data_6F02
#
_entry.id   6F02
#
_cell.length_a   138.020
_cell.length_b   138.020
_cell.length_c   157.970
_cell.angle_alpha   90.00
_cell.angle_beta   90.00
_cell.angle_gamma   90.00
#
_symmetry.space_group_name_H-M   'P 43 21 2'
#
loop_
_entity.id
_entity.type
_entity.pdbx_description
1 polymer Kallistatin
2 branched beta-D-mannopyranose-(1-4)-2-acetamido-2-deoxy-beta-D-glucopyranose-(1-4)-[beta-L-fucopyranose-(1-6)]2-acetamido-2-deoxy-beta-D-glucopyranose
3 branched beta-L-fucopyranose-(1-6)-2-acetamido-2-deoxy-beta-D-glucopyranose
4 non-polymer 'SULFATE ION'
5 water water
#
_entity_poly.entity_id   1
_entity_poly.type   'polypeptide(L)'
_entity_poly.pdbx_seq_one_letter_code
;GSPSLKIAPANADFAFRFYYLIASETPGKNIFFSPLSISAAYAMLSLGACSHSRSQILEGLGFNLTELSESDVHRGFQHL
LHTLNLPGHGLETRVGSALFLSHNLKFLAKFLNDTMAVYEAKLFHTNFYDTVGTIQLINDHVKKETRGKIVDLVSELKKD
VLMVLVNYIYFKALWEKPFISSRTTPKDFYVDENTTVRVPMMLQDQEHHWYLHDRYLPCSVLRMDYKGDATVFFILPNQG
KMREIEEVLTPEMLMRWNNLLRKRNFYKKLELHLPKFSISGSYVLDQILPRLGFTDLFSKWADLSGITKQQKLEASKSFH
KATLDVDEAGTEAAAATSFAIKFFSAQTNRHILRFNRPFLVVIFSTSTQSVLFLGKVVDPTKPHHHHHH
;
_entity_poly.pdbx_strand_id   A,C
#
# COMPACT_ATOMS: atom_id res chain seq x y z
N SER A 2 -10.73 -4.36 -19.38
CA SER A 2 -10.21 -3.75 -18.12
C SER A 2 -11.33 -3.03 -17.36
N PRO A 3 -11.34 -3.13 -16.01
CA PRO A 3 -12.31 -2.32 -15.23
C PRO A 3 -12.00 -0.82 -15.25
N SER A 4 -10.73 -0.47 -15.06
CA SER A 4 -10.28 0.93 -14.99
C SER A 4 -10.44 1.71 -16.31
N LEU A 5 -10.40 1.00 -17.44
CA LEU A 5 -10.57 1.61 -18.76
C LEU A 5 -12.02 2.03 -19.05
N LYS A 6 -12.99 1.40 -18.36
CA LYS A 6 -14.41 1.75 -18.51
C LYS A 6 -14.79 3.10 -17.90
N ILE A 7 -14.15 3.46 -16.78
CA ILE A 7 -14.43 4.74 -16.10
C ILE A 7 -13.57 5.93 -16.59
N ALA A 8 -12.59 5.67 -17.44
CA ALA A 8 -11.66 6.71 -17.91
C ALA A 8 -12.29 7.80 -18.79
N PRO A 9 -13.24 7.44 -19.68
CA PRO A 9 -13.92 8.46 -20.48
C PRO A 9 -14.73 9.45 -19.65
N ALA A 10 -15.45 8.93 -18.65
CA ALA A 10 -16.23 9.74 -17.72
C ALA A 10 -15.35 10.68 -16.92
N ASN A 11 -14.30 10.14 -16.29
CA ASN A 11 -13.37 10.93 -15.48
C ASN A 11 -12.66 12.03 -16.27
N ALA A 12 -12.30 11.74 -17.53
CA ALA A 12 -11.70 12.73 -18.42
C ALA A 12 -12.69 13.85 -18.75
N ASP A 13 -13.94 13.47 -19.02
CA ASP A 13 -15.02 14.44 -19.26
C ASP A 13 -15.19 15.42 -18.09
N PHE A 14 -15.18 14.91 -16.86
CA PHE A 14 -15.34 15.74 -15.66
C PHE A 14 -14.17 16.70 -15.44
N ALA A 15 -12.96 16.26 -15.75
CA ALA A 15 -11.75 17.06 -15.57
C ALA A 15 -11.81 18.40 -16.29
N PHE A 16 -12.11 18.36 -17.59
CA PHE A 16 -12.17 19.56 -18.42
C PHE A 16 -13.44 20.37 -18.21
N ARG A 17 -14.52 19.69 -17.80
CA ARG A 17 -15.74 20.38 -17.35
C ARG A 17 -15.51 21.21 -16.09
N PHE A 18 -14.79 20.63 -15.12
CA PHE A 18 -14.39 21.36 -13.90
C PHE A 18 -13.42 22.49 -14.21
N TYR A 19 -12.51 22.28 -15.16
CA TYR A 19 -11.56 23.31 -15.56
C TYR A 19 -12.28 24.51 -16.17
N TYR A 20 -13.10 24.26 -17.19
CA TYR A 20 -13.82 25.33 -17.92
C TYR A 20 -14.64 26.25 -17.01
N LEU A 21 -15.23 25.68 -15.96
CA LEU A 21 -16.00 26.46 -15.00
C LEU A 21 -15.10 27.40 -14.19
N ILE A 22 -14.01 26.86 -13.65
CA ILE A 22 -13.06 27.64 -12.83
C ILE A 22 -12.38 28.72 -13.68
N ALA A 23 -12.04 28.38 -14.92
CA ALA A 23 -11.47 29.33 -15.88
C ALA A 23 -12.46 30.44 -16.25
N SER A 24 -13.75 30.10 -16.42
CA SER A 24 -14.77 31.09 -16.78
C SER A 24 -15.08 32.06 -15.62
N GLU A 25 -15.31 31.49 -14.44
CA GLU A 25 -15.70 32.29 -13.26
C GLU A 25 -14.59 33.15 -12.67
N THR A 26 -13.33 32.73 -12.81
CA THR A 26 -12.17 33.49 -12.32
C THR A 26 -11.07 33.53 -13.41
N PRO A 27 -11.21 34.43 -14.40
CA PRO A 27 -10.44 34.34 -15.65
C PRO A 27 -8.93 34.53 -15.56
N GLY A 28 -8.46 35.58 -14.88
CA GLY A 28 -7.03 35.92 -14.88
C GLY A 28 -6.22 35.35 -13.73
N LYS A 29 -6.53 34.13 -13.31
CA LYS A 29 -6.00 33.56 -12.06
C LYS A 29 -5.41 32.17 -12.26
N ASN A 30 -4.50 31.79 -11.37
CA ASN A 30 -3.89 30.46 -11.37
C ASN A 30 -4.95 29.40 -11.09
N ILE A 31 -4.84 28.28 -11.78
CA ILE A 31 -5.72 27.13 -11.58
C ILE A 31 -4.84 25.90 -11.40
N PHE A 32 -5.17 25.05 -10.42
CA PHE A 32 -4.53 23.75 -10.29
C PHE A 32 -5.31 22.80 -9.37
N PHE A 33 -5.71 21.66 -9.90
CA PHE A 33 -6.50 20.67 -9.16
C PHE A 33 -6.30 19.28 -9.74
N SER A 34 -6.83 18.28 -9.03
CA SER A 34 -6.72 16.86 -9.39
C SER A 34 -8.11 16.28 -9.62
N PRO A 35 -8.57 16.26 -10.89
CA PRO A 35 -9.88 15.68 -11.22
C PRO A 35 -10.09 14.27 -10.65
N LEU A 36 -9.04 13.46 -10.66
CA LEU A 36 -9.11 12.08 -10.19
C LEU A 36 -9.40 11.98 -8.70
N SER A 37 -8.75 12.81 -7.88
CA SER A 37 -9.00 12.80 -6.43
C SER A 37 -10.40 13.33 -6.10
N ILE A 38 -10.88 14.28 -6.91
CA ILE A 38 -12.26 14.80 -6.80
C ILE A 38 -13.27 13.72 -7.22
N SER A 39 -13.03 13.10 -8.37
CA SER A 39 -13.88 12.03 -8.86
C SER A 39 -13.94 10.86 -7.88
N ALA A 40 -12.78 10.35 -7.50
CA ALA A 40 -12.68 9.21 -6.58
C ALA A 40 -13.41 9.44 -5.26
N ALA A 41 -13.30 10.65 -4.73
CA ALA A 41 -13.88 11.01 -3.43
C ALA A 41 -15.39 11.11 -3.46
N TYR A 42 -15.94 11.69 -4.53
CA TYR A 42 -17.40 11.76 -4.71
C TYR A 42 -17.98 10.42 -5.16
N ALA A 43 -17.21 9.63 -5.90
CA ALA A 43 -17.57 8.24 -6.17
C ALA A 43 -17.62 7.43 -4.85
N MET A 44 -16.66 7.70 -3.96
CA MET A 44 -16.65 7.11 -2.61
C MET A 44 -17.83 7.58 -1.77
N LEU A 45 -18.13 8.87 -1.84
CA LEU A 45 -19.26 9.45 -1.09
C LEU A 45 -20.62 8.91 -1.55
N SER A 46 -20.72 8.51 -2.82
CA SER A 46 -21.97 7.95 -3.35
C SER A 46 -22.36 6.59 -2.77
N LEU A 47 -21.39 5.86 -2.19
CA LEU A 47 -21.70 4.64 -1.41
C LEU A 47 -22.62 4.90 -0.21
N GLY A 48 -22.56 6.10 0.34
CA GLY A 48 -23.43 6.54 1.43
C GLY A 48 -24.77 7.16 1.02
N ALA A 49 -24.82 7.72 -0.19
CA ALA A 49 -26.08 8.24 -0.74
C ALA A 49 -27.02 7.10 -1.11
N CYS A 50 -28.32 7.39 -1.08
CA CYS A 50 -29.38 6.41 -1.31
C CYS A 50 -30.29 6.80 -2.48
N SER A 51 -30.67 5.79 -3.29
CA SER A 51 -31.57 5.92 -4.44
C SER A 51 -31.25 7.08 -5.41
N HIS A 52 -32.03 8.16 -5.38
CA HIS A 52 -31.97 9.22 -6.40
C HIS A 52 -30.72 10.09 -6.28
N SER A 53 -30.39 10.51 -5.06
CA SER A 53 -29.23 11.38 -4.81
C SER A 53 -27.88 10.72 -5.15
N ARG A 54 -27.84 9.38 -5.13
CA ARG A 54 -26.68 8.62 -5.62
C ARG A 54 -26.51 8.72 -7.14
N SER A 55 -27.60 8.60 -7.89
CA SER A 55 -27.57 8.75 -9.34
C SER A 55 -27.07 10.13 -9.78
N GLN A 56 -27.52 11.17 -9.09
CA GLN A 56 -27.15 12.55 -9.42
C GLN A 56 -25.65 12.82 -9.23
N ILE A 57 -25.03 12.16 -8.24
CA ILE A 57 -23.58 12.22 -8.03
C ILE A 57 -22.87 11.59 -9.21
N LEU A 58 -23.16 10.32 -9.48
CA LEU A 58 -22.50 9.59 -10.54
C LEU A 58 -22.73 10.22 -11.93
N GLU A 59 -23.95 10.71 -12.18
CA GLU A 59 -24.23 11.44 -13.43
C GLU A 59 -23.49 12.78 -13.51
N GLY A 60 -23.34 13.46 -12.38
CA GLY A 60 -22.53 14.68 -12.29
C GLY A 60 -21.06 14.45 -12.61
N LEU A 61 -20.54 13.30 -12.18
CA LEU A 61 -19.17 12.88 -12.50
C LEU A 61 -18.97 12.42 -13.96
N GLY A 62 -20.05 12.40 -14.75
CA GLY A 62 -19.95 12.11 -16.19
C GLY A 62 -20.21 10.67 -16.56
N PHE A 63 -20.66 9.86 -15.61
CA PHE A 63 -20.97 8.45 -15.87
C PHE A 63 -22.33 8.31 -16.54
N ASN A 64 -22.43 7.31 -17.41
CA ASN A 64 -23.66 6.93 -18.09
C ASN A 64 -24.18 5.68 -17.37
N LEU A 65 -25.24 5.86 -16.57
CA LEU A 65 -25.76 4.79 -15.70
C LEU A 65 -26.53 3.67 -16.41
N THR A 66 -26.89 3.86 -17.69
CA THR A 66 -27.42 2.79 -18.54
C THR A 66 -26.29 1.99 -19.21
N GLU A 67 -25.15 2.65 -19.48
CA GLU A 67 -23.96 1.99 -19.99
C GLU A 67 -23.27 1.20 -18.88
N LEU A 68 -22.95 1.88 -17.79
CA LEU A 68 -22.23 1.30 -16.64
C LEU A 68 -23.15 1.12 -15.45
N SER A 69 -22.88 0.09 -14.65
CA SER A 69 -23.54 -0.08 -13.35
C SER A 69 -22.76 0.67 -12.28
N GLU A 70 -23.36 0.78 -11.09
CA GLU A 70 -22.67 1.30 -9.92
C GLU A 70 -21.50 0.38 -9.54
N SER A 71 -21.70 -0.93 -9.69
CA SER A 71 -20.64 -1.92 -9.47
C SER A 71 -19.44 -1.71 -10.42
N ASP A 72 -19.72 -1.39 -11.68
CA ASP A 72 -18.67 -1.10 -12.67
C ASP A 72 -17.85 0.16 -12.32
N VAL A 73 -18.49 1.14 -11.69
CA VAL A 73 -17.81 2.37 -11.25
C VAL A 73 -16.82 2.06 -10.13
N HIS A 74 -17.27 1.37 -9.09
CA HIS A 74 -16.43 1.08 -7.91
C HIS A 74 -15.32 0.07 -8.20
N ARG A 75 -15.62 -0.94 -9.02
CA ARG A 75 -14.59 -1.86 -9.54
C ARG A 75 -13.62 -1.12 -10.46
N GLY A 76 -14.15 -0.18 -11.24
CA GLY A 76 -13.34 0.71 -12.06
C GLY A 76 -12.35 1.51 -11.25
N PHE A 77 -12.83 2.16 -10.19
CA PHE A 77 -11.98 2.95 -9.30
C PHE A 77 -11.00 2.11 -8.47
N GLN A 78 -11.38 0.88 -8.13
CA GLN A 78 -10.51 0.00 -7.36
C GLN A 78 -9.29 -0.43 -8.18
N HIS A 79 -9.52 -0.83 -9.44
CA HIS A 79 -8.44 -1.20 -10.36
C HIS A 79 -7.59 0.02 -10.79
N LEU A 80 -8.20 1.20 -10.81
CA LEU A 80 -7.49 2.45 -11.11
C LEU A 80 -6.55 2.81 -9.96
N LEU A 81 -7.07 2.84 -8.73
CA LEU A 81 -6.27 3.18 -7.55
C LEU A 81 -5.18 2.14 -7.27
N HIS A 82 -5.46 0.87 -7.52
CA HIS A 82 -4.48 -0.21 -7.34
C HIS A 82 -3.26 -0.05 -8.26
N THR A 83 -3.52 0.31 -9.51
CA THR A 83 -2.46 0.55 -10.50
C THR A 83 -1.57 1.72 -10.07
N LEU A 84 -2.18 2.83 -9.65
CA LEU A 84 -1.44 4.02 -9.23
C LEU A 84 -0.63 3.87 -7.93
N ASN A 85 -1.01 2.91 -7.08
CA ASN A 85 -0.27 2.63 -5.84
C ASN A 85 0.96 1.72 -6.02
N LEU A 86 1.23 1.27 -7.25
CA LEU A 86 2.34 0.32 -7.49
C LEU A 86 3.72 1.01 -7.34
N PRO A 87 4.73 0.27 -6.81
CA PRO A 87 6.04 0.79 -6.36
C PRO A 87 6.63 1.95 -7.16
N GLY A 88 6.68 1.82 -8.49
CA GLY A 88 7.05 2.94 -9.36
C GLY A 88 8.53 3.31 -9.41
N HIS A 89 8.91 4.02 -10.46
CA HIS A 89 10.28 4.44 -10.71
C HIS A 89 10.53 5.81 -10.06
N GLY A 90 10.52 5.83 -8.74
CA GLY A 90 10.50 7.07 -7.97
C GLY A 90 9.22 7.87 -8.16
N LEU A 91 8.13 7.17 -8.52
CA LEU A 91 6.86 7.79 -8.88
C LEU A 91 5.81 7.41 -7.85
N GLU A 92 5.20 8.42 -7.24
CA GLU A 92 4.14 8.22 -6.26
C GLU A 92 2.91 8.99 -6.64
N THR A 93 1.81 8.28 -6.85
CA THR A 93 0.51 8.87 -7.10
C THR A 93 -0.49 8.16 -6.21
N ARG A 94 -0.64 8.65 -4.99
CA ARG A 94 -1.53 8.05 -3.98
C ARG A 94 -2.78 8.92 -3.79
N VAL A 95 -3.87 8.52 -4.43
CA VAL A 95 -5.15 9.23 -4.31
C VAL A 95 -5.80 8.85 -2.97
N GLY A 96 -6.38 9.84 -2.30
CA GLY A 96 -6.98 9.64 -0.97
C GLY A 96 -8.14 10.59 -0.69
N SER A 97 -8.89 10.26 0.36
CA SER A 97 -10.06 11.03 0.77
C SER A 97 -10.34 10.81 2.24
N ALA A 98 -11.15 11.69 2.83
CA ALA A 98 -11.52 11.57 4.23
C ALA A 98 -12.81 12.33 4.57
N LEU A 99 -13.64 11.71 5.41
CA LEU A 99 -14.87 12.33 5.93
C LEU A 99 -14.75 12.55 7.42
N PHE A 100 -15.14 13.75 7.88
CA PHE A 100 -15.15 14.10 9.29
C PHE A 100 -16.59 14.37 9.70
N LEU A 101 -17.23 13.36 10.28
CA LEU A 101 -18.63 13.44 10.68
C LEU A 101 -18.72 13.97 12.11
N SER A 102 -19.81 14.65 12.42
CA SER A 102 -20.03 15.20 13.76
C SER A 102 -20.15 14.07 14.78
N HIS A 103 -19.51 14.22 15.94
CA HIS A 103 -19.74 13.30 17.06
C HIS A 103 -21.20 13.51 17.50
N ASN A 104 -21.80 12.45 18.03
CA ASN A 104 -23.27 12.32 18.15
C ASN A 104 -23.93 12.06 16.80
N LEU A 105 -23.20 11.44 15.87
CA LEU A 105 -23.77 10.83 14.65
C LEU A 105 -22.96 9.58 14.34
N LYS A 106 -23.61 8.43 14.36
CA LYS A 106 -22.93 7.14 14.14
C LYS A 106 -22.78 6.84 12.66
N PHE A 107 -21.57 6.45 12.25
CA PHE A 107 -21.36 5.88 10.91
C PHE A 107 -22.02 4.51 10.85
N LEU A 108 -22.69 4.21 9.74
CA LEU A 108 -23.20 2.87 9.50
C LEU A 108 -22.06 1.95 9.06
N ALA A 109 -22.09 0.71 9.53
CA ALA A 109 -21.05 -0.28 9.24
C ALA A 109 -20.87 -0.54 7.73
N LYS A 110 -21.99 -0.67 7.01
CA LYS A 110 -21.99 -0.85 5.55
C LYS A 110 -21.14 0.22 4.84
N PHE A 111 -21.31 1.47 5.25
CA PHE A 111 -20.55 2.59 4.70
C PHE A 111 -19.06 2.48 5.04
N LEU A 112 -18.74 2.27 6.32
CA LEU A 112 -17.35 2.12 6.77
C LEU A 112 -16.62 1.03 5.99
N ASN A 113 -17.27 -0.14 5.84
CA ASN A 113 -16.67 -1.26 5.14
C ASN A 113 -16.41 -0.96 3.66
N ASP A 114 -17.47 -0.52 2.97
CA ASP A 114 -17.41 -0.31 1.51
C ASP A 114 -16.41 0.78 1.09
N THR A 115 -16.39 1.89 1.83
CA THR A 115 -15.49 3.00 1.53
C THR A 115 -14.02 2.64 1.76
N MET A 116 -13.75 1.99 2.89
CA MET A 116 -12.38 1.60 3.24
C MET A 116 -11.84 0.44 2.39
N ALA A 117 -12.69 -0.53 2.06
CA ALA A 117 -12.28 -1.71 1.29
C ALA A 117 -11.91 -1.43 -0.16
N VAL A 118 -12.50 -0.38 -0.73
CA VAL A 118 -12.32 -0.04 -2.15
C VAL A 118 -11.45 1.20 -2.33
N TYR A 119 -11.82 2.29 -1.67
CA TYR A 119 -11.13 3.59 -1.81
C TYR A 119 -10.10 3.90 -0.72
N GLU A 120 -10.03 3.06 0.32
CA GLU A 120 -9.17 3.30 1.50
C GLU A 120 -9.40 4.67 2.14
N ALA A 121 -10.66 5.09 2.21
CA ALA A 121 -11.03 6.37 2.78
C ALA A 121 -10.79 6.36 4.29
N LYS A 122 -10.58 7.54 4.86
CA LYS A 122 -10.30 7.68 6.29
C LYS A 122 -11.43 8.44 6.96
N LEU A 123 -12.16 7.75 7.83
CA LEU A 123 -13.38 8.30 8.42
C LEU A 123 -13.15 8.63 9.89
N PHE A 124 -13.61 9.81 10.32
CA PHE A 124 -13.34 10.35 11.66
C PHE A 124 -14.59 10.98 12.29
N HIS A 125 -14.59 11.03 13.62
CA HIS A 125 -15.55 11.82 14.39
C HIS A 125 -14.85 13.09 14.89
N THR A 126 -15.56 14.22 14.85
CA THR A 126 -15.08 15.47 15.46
C THR A 126 -16.23 16.26 16.09
N ASN A 127 -15.88 17.21 16.97
CA ASN A 127 -16.84 18.11 17.60
C ASN A 127 -16.75 19.47 16.90
N PHE A 128 -17.67 19.71 15.98
CA PHE A 128 -17.64 20.93 15.15
C PHE A 128 -17.85 22.25 15.90
N TYR A 129 -18.40 22.18 17.12
CA TYR A 129 -18.48 23.36 17.99
C TYR A 129 -17.08 23.85 18.37
N ASP A 130 -16.15 22.91 18.57
CA ASP A 130 -14.72 23.23 18.69
C ASP A 130 -14.16 23.43 17.28
N THR A 131 -14.37 24.63 16.74
CA THR A 131 -13.97 24.95 15.36
C THR A 131 -12.44 24.94 15.17
N VAL A 132 -11.72 25.50 16.15
CA VAL A 132 -10.25 25.52 16.12
C VAL A 132 -9.67 24.10 16.21
N GLY A 133 -10.37 23.22 16.92
CA GLY A 133 -9.96 21.83 17.09
C GLY A 133 -10.12 20.97 15.84
N THR A 134 -11.27 21.09 15.17
CA THR A 134 -11.54 20.29 13.96
C THR A 134 -10.67 20.72 12.78
N ILE A 135 -10.46 22.03 12.64
CA ILE A 135 -9.57 22.56 11.60
C ILE A 135 -8.14 22.06 11.82
N GLN A 136 -7.70 22.03 13.08
CA GLN A 136 -6.40 21.45 13.43
C GLN A 136 -6.36 19.95 13.13
N LEU A 137 -7.44 19.24 13.47
CA LEU A 137 -7.54 17.79 13.24
C LEU A 137 -7.56 17.44 11.74
N ILE A 138 -8.35 18.18 10.97
CA ILE A 138 -8.49 17.94 9.52
C ILE A 138 -7.21 18.27 8.76
N ASN A 139 -6.63 19.45 9.01
CA ASN A 139 -5.45 19.92 8.29
C ASN A 139 -4.21 19.05 8.55
N ASP A 140 -4.03 18.62 9.80
CA ASP A 140 -2.91 17.73 10.15
C ASP A 140 -3.00 16.33 9.53
N HIS A 141 -4.22 15.81 9.36
CA HIS A 141 -4.44 14.54 8.65
C HIS A 141 -4.07 14.65 7.17
N VAL A 142 -4.52 15.72 6.52
CA VAL A 142 -4.22 15.98 5.11
C VAL A 142 -2.72 16.30 4.93
N LYS A 143 -2.15 17.01 5.90
CA LYS A 143 -0.70 17.25 5.92
C LYS A 143 0.10 15.95 6.05
N LYS A 144 -0.29 15.10 6.98
CA LYS A 144 0.35 13.80 7.21
C LYS A 144 0.29 12.91 5.96
N GLU A 145 -0.89 12.86 5.33
CA GLU A 145 -1.12 11.98 4.17
C GLU A 145 -0.43 12.45 2.90
N THR A 146 -0.39 13.77 2.68
CA THR A 146 0.39 14.36 1.58
C THR A 146 1.86 14.63 1.96
N ARG A 147 2.23 14.32 3.21
CA ARG A 147 3.61 14.39 3.70
C ARG A 147 4.19 15.81 3.60
N GLY A 148 3.41 16.76 4.13
CA GLY A 148 3.80 18.17 4.16
C GLY A 148 3.38 19.00 2.96
N LYS A 149 3.07 18.37 1.83
CA LYS A 149 2.91 19.10 0.56
C LYS A 149 1.65 19.97 0.50
N ILE A 150 0.56 19.48 1.10
CA ILE A 150 -0.69 20.25 1.23
C ILE A 150 -0.89 20.62 2.70
N VAL A 151 -0.90 21.92 2.99
CA VAL A 151 -1.06 22.43 4.36
C VAL A 151 -2.09 23.55 4.40
N ASP A 152 -2.77 23.67 5.54
CA ASP A 152 -3.80 24.70 5.76
C ASP A 152 -4.94 24.58 4.74
N LEU A 153 -5.49 23.37 4.63
CA LEU A 153 -6.56 23.08 3.67
C LEU A 153 -7.82 23.85 4.01
N VAL A 154 -8.31 23.65 5.24
CA VAL A 154 -9.49 24.32 5.75
C VAL A 154 -9.04 25.53 6.57
N SER A 155 -9.47 26.72 6.15
CA SER A 155 -9.18 27.98 6.86
C SER A 155 -10.29 28.40 7.84
N GLU A 156 -11.54 28.04 7.53
CA GLU A 156 -12.69 28.43 8.36
C GLU A 156 -13.88 27.45 8.24
N LEU A 157 -14.64 27.32 9.32
CA LEU A 157 -15.82 26.44 9.37
C LEU A 157 -16.90 27.00 10.30
N LYS A 158 -18.16 26.79 9.94
CA LYS A 158 -19.27 27.12 10.83
C LYS A 158 -19.37 26.07 11.93
N LYS A 159 -20.14 26.40 12.98
CA LYS A 159 -20.40 25.48 14.09
C LYS A 159 -21.63 24.60 13.87
N ASP A 160 -22.56 25.07 13.02
CA ASP A 160 -23.71 24.25 12.58
C ASP A 160 -23.32 23.12 11.62
N VAL A 161 -22.16 23.22 10.99
CA VAL A 161 -21.64 22.17 10.09
C VAL A 161 -21.53 20.85 10.86
N LEU A 162 -21.89 19.75 10.19
CA LEU A 162 -21.81 18.41 10.78
C LEU A 162 -21.12 17.34 9.90
N MET A 163 -20.64 17.71 8.71
CA MET A 163 -19.77 16.83 7.92
C MET A 163 -18.87 17.63 6.97
N VAL A 164 -17.59 17.23 6.90
CA VAL A 164 -16.63 17.81 5.96
C VAL A 164 -15.99 16.68 5.17
N LEU A 165 -15.95 16.83 3.84
CA LEU A 165 -15.23 15.92 2.94
C LEU A 165 -13.95 16.58 2.47
N VAL A 166 -12.84 15.85 2.54
CA VAL A 166 -11.58 16.32 1.96
C VAL A 166 -11.06 15.25 1.01
N ASN A 167 -10.42 15.70 -0.08
CA ASN A 167 -9.74 14.81 -1.01
C ASN A 167 -8.40 15.43 -1.45
N TYR A 168 -7.42 14.56 -1.63
CA TYR A 168 -6.03 14.97 -1.88
C TYR A 168 -5.33 13.93 -2.74
N ILE A 169 -4.10 14.23 -3.11
CA ILE A 169 -3.26 13.28 -3.86
C ILE A 169 -1.79 13.58 -3.57
N TYR A 170 -1.10 12.65 -2.93
CA TYR A 170 0.33 12.76 -2.70
C TYR A 170 1.04 12.50 -4.03
N PHE A 171 1.77 13.51 -4.53
CA PHE A 171 2.47 13.41 -5.81
C PHE A 171 3.96 13.72 -5.70
N LYS A 172 4.77 12.72 -6.04
CA LYS A 172 6.21 12.84 -6.14
C LYS A 172 6.63 12.18 -7.46
N ALA A 173 7.41 12.90 -8.27
CA ALA A 173 7.90 12.34 -9.54
C ALA A 173 9.24 12.93 -9.95
N LEU A 174 10.05 12.15 -10.66
CA LEU A 174 11.34 12.60 -11.21
C LEU A 174 11.22 12.73 -12.72
N TRP A 175 11.78 13.81 -13.28
CA TRP A 175 11.84 13.98 -14.74
C TRP A 175 12.66 12.85 -15.35
N GLU A 176 12.29 12.44 -16.56
CA GLU A 176 13.12 11.52 -17.35
C GLU A 176 14.42 12.25 -17.71
N LYS A 177 14.26 13.47 -18.19
CA LYS A 177 15.35 14.34 -18.59
C LYS A 177 15.37 15.58 -17.68
N PRO A 178 16.09 15.52 -16.55
CA PRO A 178 16.12 16.65 -15.62
C PRO A 178 16.97 17.82 -16.09
N PHE A 179 16.76 18.96 -15.45
CA PHE A 179 17.50 20.18 -15.73
C PHE A 179 18.71 20.25 -14.79
N ILE A 180 19.73 21.00 -15.21
CA ILE A 180 20.92 21.23 -14.40
C ILE A 180 20.73 22.56 -13.65
N SER A 181 20.77 22.50 -12.32
CA SER A 181 20.41 23.64 -11.47
C SER A 181 21.37 24.84 -11.51
N SER A 182 22.65 24.58 -11.83
CA SER A 182 23.63 25.66 -11.99
C SER A 182 23.31 26.58 -13.18
N ARG A 183 22.58 26.06 -14.17
CA ARG A 183 22.19 26.84 -15.37
C ARG A 183 20.82 27.56 -15.24
N THR A 184 20.24 27.54 -14.04
CA THR A 184 18.92 28.14 -13.78
C THR A 184 19.11 29.55 -13.22
N THR A 185 18.60 30.56 -13.93
CA THR A 185 18.77 31.97 -13.55
C THR A 185 17.44 32.73 -13.57
N PRO A 186 17.35 33.85 -12.82
CA PRO A 186 16.11 34.66 -12.89
C PRO A 186 15.92 35.35 -14.23
N LYS A 187 14.76 35.11 -14.86
CA LYS A 187 14.41 35.73 -16.14
C LYS A 187 12.97 36.27 -16.06
N ASP A 188 12.58 37.07 -17.05
CA ASP A 188 11.24 37.70 -17.08
C ASP A 188 10.13 36.70 -17.45
N PHE A 189 8.96 36.90 -16.85
CA PHE A 189 7.74 36.15 -17.17
C PHE A 189 6.61 37.15 -17.38
N TYR A 190 6.08 37.21 -18.60
CA TYR A 190 5.08 38.22 -18.98
C TYR A 190 3.67 37.67 -18.74
N VAL A 191 3.11 37.98 -17.56
CA VAL A 191 1.75 37.54 -17.21
C VAL A 191 0.69 38.18 -18.12
N ASP A 192 0.88 39.46 -18.45
CA ASP A 192 0.00 40.17 -19.39
C ASP A 192 0.73 41.40 -19.96
N GLU A 193 0.06 42.16 -20.82
CA GLU A 193 0.63 43.40 -21.36
C GLU A 193 0.77 44.54 -20.33
N ASN A 194 0.06 44.46 -19.20
CA ASN A 194 0.19 45.46 -18.11
C ASN A 194 1.39 45.22 -17.19
N THR A 195 1.65 43.97 -16.80
CA THR A 195 2.71 43.65 -15.80
C THR A 195 3.65 42.50 -16.18
N THR A 196 4.82 42.48 -15.52
CA THR A 196 5.89 41.49 -15.75
C THR A 196 6.47 41.07 -14.40
N VAL A 197 6.90 39.80 -14.30
CA VAL A 197 7.38 39.23 -13.03
C VAL A 197 8.69 38.47 -13.23
N ARG A 198 9.53 38.49 -12.18
CA ARG A 198 10.82 37.77 -12.18
C ARG A 198 10.65 36.38 -11.57
N VAL A 199 10.95 35.35 -12.37
CA VAL A 199 10.86 33.94 -11.93
C VAL A 199 12.15 33.21 -12.28
N PRO A 200 12.59 32.27 -11.41
CA PRO A 200 13.68 31.36 -11.79
C PRO A 200 13.33 30.56 -13.04
N MET A 201 14.21 30.59 -14.05
CA MET A 201 13.98 29.97 -15.35
C MET A 201 15.04 28.92 -15.62
N MET A 202 14.62 27.66 -15.77
CA MET A 202 15.53 26.54 -16.04
C MET A 202 15.86 26.52 -17.53
N LEU A 203 16.96 25.84 -17.87
CA LEU A 203 17.49 25.81 -19.24
C LEU A 203 17.98 24.41 -19.59
N GLN A 204 17.63 23.94 -20.79
CA GLN A 204 18.03 22.63 -21.27
C GLN A 204 18.09 22.59 -22.81
N ASP A 205 19.30 22.63 -23.35
CA ASP A 205 19.53 22.60 -24.81
C ASP A 205 20.39 21.41 -25.28
N GLN A 206 20.52 20.39 -24.42
CA GLN A 206 21.25 19.15 -24.73
C GLN A 206 20.33 18.03 -25.25
N GLU A 207 19.11 17.96 -24.73
CA GLU A 207 18.19 16.86 -25.01
C GLU A 207 17.30 17.11 -26.22
N HIS A 208 16.80 16.01 -26.78
CA HIS A 208 15.63 16.04 -27.65
C HIS A 208 14.38 16.07 -26.78
N HIS A 209 13.28 16.57 -27.34
CA HIS A 209 11.99 16.62 -26.65
C HIS A 209 10.85 16.31 -27.60
N TRP A 210 9.72 15.89 -27.04
CA TRP A 210 8.50 15.68 -27.79
C TRP A 210 7.71 16.98 -27.72
N TYR A 211 7.70 17.73 -28.82
CA TYR A 211 6.98 18.99 -28.89
C TYR A 211 6.44 19.23 -30.30
N LEU A 212 5.35 19.98 -30.39
CA LEU A 212 4.76 20.33 -31.68
C LEU A 212 4.24 21.77 -31.69
N HIS A 213 4.10 22.31 -32.90
CA HIS A 213 3.48 23.60 -33.14
C HIS A 213 2.19 23.27 -33.87
N ASP A 214 1.07 23.56 -33.23
CA ASP A 214 -0.23 23.06 -33.69
C ASP A 214 -0.67 23.78 -34.97
N ARG A 215 -0.97 23.02 -36.01
CA ARG A 215 -1.41 23.57 -37.30
C ARG A 215 -2.80 24.19 -37.20
N TYR A 216 -3.69 23.50 -36.48
CA TYR A 216 -5.12 23.81 -36.40
C TYR A 216 -5.45 24.82 -35.29
N LEU A 217 -4.78 24.70 -34.14
CA LEU A 217 -4.96 25.64 -33.02
C LEU A 217 -3.77 26.61 -32.91
N PRO A 218 -3.94 27.74 -32.21
CA PRO A 218 -2.83 28.69 -32.01
C PRO A 218 -2.03 28.42 -30.72
N CYS A 219 -1.29 27.31 -30.71
CA CYS A 219 -0.50 26.93 -29.53
C CYS A 219 0.64 25.98 -29.85
N SER A 220 1.61 25.92 -28.94
CA SER A 220 2.67 24.92 -28.94
C SER A 220 2.43 23.99 -27.76
N VAL A 221 2.67 22.70 -27.95
CA VAL A 221 2.47 21.69 -26.91
C VAL A 221 3.79 20.95 -26.70
N LEU A 222 4.30 20.98 -25.47
CA LEU A 222 5.50 20.24 -25.07
C LEU A 222 5.08 19.06 -24.19
N ARG A 223 5.69 17.90 -24.42
CA ARG A 223 5.40 16.68 -23.66
C ARG A 223 6.67 16.22 -22.95
N MET A 224 6.72 16.42 -21.63
CA MET A 224 7.86 16.03 -20.79
C MET A 224 7.51 14.84 -19.90
N ASP A 225 8.12 13.69 -20.16
CA ASP A 225 7.86 12.49 -19.37
C ASP A 225 8.49 12.55 -17.97
N TYR A 226 7.85 11.85 -17.05
CA TYR A 226 8.41 11.51 -15.75
C TYR A 226 8.99 10.10 -15.85
N LYS A 227 9.79 9.72 -14.86
CA LYS A 227 10.21 8.33 -14.69
C LYS A 227 9.04 7.55 -14.12
N GLY A 228 8.67 6.47 -14.80
CA GLY A 228 7.45 5.71 -14.51
C GLY A 228 6.41 5.97 -15.59
N ASP A 229 5.16 5.62 -15.27
CA ASP A 229 4.03 5.74 -16.21
C ASP A 229 3.26 7.06 -16.04
N ALA A 230 3.98 8.18 -16.19
CA ALA A 230 3.41 9.53 -16.03
C ALA A 230 4.09 10.53 -16.96
N THR A 231 3.39 11.62 -17.24
CA THR A 231 3.80 12.63 -18.24
C THR A 231 3.15 13.98 -17.96
N VAL A 232 3.82 15.06 -18.35
CA VAL A 232 3.25 16.41 -18.28
C VAL A 232 3.14 16.98 -19.69
N PHE A 233 1.94 17.47 -20.05
CA PHE A 233 1.75 18.26 -21.26
C PHE A 233 1.77 19.72 -20.87
N PHE A 234 2.76 20.47 -21.35
CA PHE A 234 2.78 21.92 -21.22
C PHE A 234 2.26 22.53 -22.52
N ILE A 235 1.07 23.12 -22.48
CA ILE A 235 0.49 23.81 -23.65
C ILE A 235 0.75 25.31 -23.53
N LEU A 236 1.57 25.83 -24.43
CA LEU A 236 1.87 27.26 -24.50
C LEU A 236 1.06 27.89 -25.62
N PRO A 237 -0.01 28.64 -25.27
CA PRO A 237 -0.77 29.34 -26.32
C PRO A 237 -0.03 30.57 -26.85
N ASN A 238 -0.36 30.96 -28.08
CA ASN A 238 0.22 32.17 -28.69
C ASN A 238 -0.31 33.38 -27.95
N GLN A 239 0.45 34.48 -27.97
CA GLN A 239 0.13 35.64 -27.14
C GLN A 239 -1.29 36.17 -27.39
N GLY A 240 -2.02 36.37 -26.30
CA GLY A 240 -3.41 36.77 -26.34
C GLY A 240 -4.43 35.68 -26.66
N LYS A 241 -3.98 34.44 -26.88
CA LYS A 241 -4.85 33.34 -27.33
C LYS A 241 -5.00 32.25 -26.25
N MET A 242 -5.04 32.66 -24.99
CA MET A 242 -5.25 31.73 -23.89
C MET A 242 -6.68 31.21 -23.95
N ARG A 243 -7.65 32.12 -23.90
CA ARG A 243 -9.06 31.71 -23.83
C ARG A 243 -9.52 31.00 -25.11
N GLU A 244 -8.85 31.24 -26.25
CA GLU A 244 -9.11 30.47 -27.48
C GLU A 244 -8.76 28.98 -27.33
N ILE A 245 -7.63 28.69 -26.69
CA ILE A 245 -7.22 27.30 -26.41
C ILE A 245 -8.08 26.66 -25.30
N GLU A 246 -8.40 27.44 -24.27
CA GLU A 246 -9.31 26.98 -23.21
C GLU A 246 -10.70 26.63 -23.75
N GLU A 247 -11.15 27.38 -24.75
CA GLU A 247 -12.45 27.17 -25.40
C GLU A 247 -12.58 25.76 -25.98
N VAL A 248 -11.48 25.23 -26.50
CA VAL A 248 -11.47 23.91 -27.17
C VAL A 248 -10.74 22.82 -26.36
N LEU A 249 -10.53 23.04 -25.06
CA LEU A 249 -9.74 22.12 -24.24
C LEU A 249 -10.60 20.93 -23.76
N THR A 250 -10.85 20.01 -24.68
CA THR A 250 -11.73 18.86 -24.44
C THR A 250 -10.89 17.62 -24.11
N PRO A 251 -11.54 16.53 -23.64
CA PRO A 251 -10.82 15.25 -23.54
C PRO A 251 -10.36 14.68 -24.89
N GLU A 252 -11.10 14.99 -25.95
CA GLU A 252 -10.72 14.59 -27.32
C GLU A 252 -9.47 15.33 -27.79
N MET A 253 -9.31 16.57 -27.33
CA MET A 253 -8.13 17.38 -27.63
C MET A 253 -6.87 16.87 -26.94
N LEU A 254 -7.00 16.45 -25.69
CA LEU A 254 -5.89 15.84 -24.95
C LEU A 254 -5.38 14.58 -25.65
N MET A 255 -6.29 13.71 -26.08
CA MET A 255 -5.93 12.49 -26.80
C MET A 255 -5.39 12.75 -28.22
N ARG A 256 -5.70 13.91 -28.79
CA ARG A 256 -5.11 14.32 -30.07
C ARG A 256 -3.63 14.65 -29.86
N TRP A 257 -3.36 15.56 -28.93
CA TRP A 257 -1.98 15.96 -28.57
C TRP A 257 -1.13 14.78 -28.08
N ASN A 258 -1.74 13.83 -27.37
CA ASN A 258 -1.05 12.64 -26.88
C ASN A 258 -0.63 11.73 -28.04
N ASN A 259 -1.55 11.49 -28.97
CA ASN A 259 -1.28 10.63 -30.15
C ASN A 259 -0.27 11.28 -31.11
N LEU A 260 -0.42 12.59 -31.33
CA LEU A 260 0.52 13.34 -32.16
C LEU A 260 1.94 13.32 -31.61
N LEU A 261 2.09 13.44 -30.29
CA LEU A 261 3.40 13.47 -29.64
C LEU A 261 3.96 12.08 -29.31
N ARG A 262 3.35 11.02 -29.82
CA ARG A 262 3.94 9.67 -29.81
C ARG A 262 4.68 9.36 -31.11
N LYS A 263 4.43 10.14 -32.17
CA LYS A 263 5.10 9.95 -33.46
C LYS A 263 6.53 10.46 -33.41
N ARG A 264 7.47 9.70 -34.00
CA ARG A 264 8.89 10.06 -33.96
C ARG A 264 9.19 11.35 -34.73
N ASN A 265 8.34 11.66 -35.71
CA ASN A 265 8.35 12.96 -36.43
C ASN A 265 8.54 14.19 -35.52
N PHE A 266 7.90 14.19 -34.36
CA PHE A 266 7.95 15.32 -33.42
C PHE A 266 8.99 15.19 -32.29
N TYR A 267 9.92 14.23 -32.42
CA TYR A 267 10.99 14.05 -31.44
C TYR A 267 12.28 14.73 -31.94
N LYS A 268 12.37 16.03 -31.70
CA LYS A 268 13.42 16.89 -32.26
C LYS A 268 14.22 17.60 -31.16
N LYS A 269 15.34 18.20 -31.57
CA LYS A 269 16.19 18.96 -30.65
C LYS A 269 15.52 20.28 -30.27
N LEU A 270 15.74 20.73 -29.04
CA LEU A 270 15.07 21.92 -28.52
C LEU A 270 15.88 22.63 -27.44
N GLU A 271 16.02 23.94 -27.57
CA GLU A 271 16.46 24.80 -26.47
C GLU A 271 15.21 25.11 -25.66
N LEU A 272 15.08 24.46 -24.51
CA LEU A 272 13.91 24.63 -23.65
C LEU A 272 14.24 25.59 -22.51
N HIS A 273 13.41 26.61 -22.35
CA HIS A 273 13.42 27.46 -21.17
C HIS A 273 12.09 27.22 -20.46
N LEU A 274 12.13 26.66 -19.25
CA LEU A 274 10.94 26.30 -18.50
C LEU A 274 11.11 26.76 -17.05
N PRO A 275 10.13 27.52 -16.52
CA PRO A 275 10.33 28.10 -15.18
C PRO A 275 10.33 27.08 -14.05
N LYS A 276 11.05 27.42 -12.98
CA LYS A 276 11.09 26.66 -11.73
C LYS A 276 10.19 27.39 -10.76
N PHE A 277 9.06 26.78 -10.42
CA PHE A 277 8.01 27.46 -9.66
C PHE A 277 7.13 26.52 -8.88
N SER A 278 6.29 27.11 -8.02
CA SER A 278 5.26 26.41 -7.29
C SER A 278 3.99 27.24 -7.26
N ILE A 279 2.88 26.67 -7.74
CA ILE A 279 1.55 27.26 -7.56
C ILE A 279 0.66 26.30 -6.77
N SER A 280 -0.43 26.84 -6.22
CA SER A 280 -1.42 26.06 -5.49
C SER A 280 -2.82 26.50 -5.87
N GLY A 281 -3.76 25.54 -5.85
CA GLY A 281 -5.18 25.82 -6.05
C GLY A 281 -5.98 25.14 -4.95
N SER A 282 -6.72 25.94 -4.19
CA SER A 282 -7.60 25.43 -3.13
C SER A 282 -9.05 25.80 -3.48
N TYR A 283 -9.94 24.81 -3.44
CA TYR A 283 -11.30 24.95 -3.97
C TYR A 283 -12.38 24.45 -2.99
N VAL A 284 -13.35 25.32 -2.71
CA VAL A 284 -14.49 24.98 -1.85
C VAL A 284 -15.54 24.29 -2.72
N LEU A 285 -15.47 22.95 -2.75
CA LEU A 285 -16.24 22.13 -3.71
C LEU A 285 -17.75 22.21 -3.54
N ASP A 286 -18.23 22.33 -2.30
CA ASP A 286 -19.67 22.48 -2.03
C ASP A 286 -20.32 23.72 -2.66
N GLN A 287 -19.52 24.75 -2.91
CA GLN A 287 -19.97 25.96 -3.62
C GLN A 287 -19.80 25.88 -5.14
N ILE A 288 -18.80 25.13 -5.60
CA ILE A 288 -18.51 24.99 -7.03
C ILE A 288 -19.36 23.91 -7.70
N LEU A 289 -19.44 22.73 -7.08
CA LEU A 289 -20.04 21.55 -7.72
C LEU A 289 -21.54 21.63 -8.08
N PRO A 290 -22.34 22.40 -7.32
CA PRO A 290 -23.73 22.61 -7.77
C PRO A 290 -23.86 23.09 -9.22
N ARG A 291 -22.96 23.95 -9.66
CA ARG A 291 -22.94 24.44 -11.04
C ARG A 291 -22.45 23.44 -12.10
N LEU A 292 -21.90 22.30 -11.67
CA LEU A 292 -21.58 21.17 -12.57
C LEU A 292 -22.62 20.03 -12.51
N GLY A 293 -23.77 20.28 -11.88
CA GLY A 293 -24.85 19.29 -11.78
C GLY A 293 -24.76 18.38 -10.57
N PHE A 294 -24.38 18.96 -9.42
CA PHE A 294 -24.46 18.28 -8.12
C PHE A 294 -25.36 19.09 -7.18
N THR A 295 -26.44 19.67 -7.74
CA THR A 295 -27.35 20.52 -6.96
C THR A 295 -28.13 19.75 -5.89
N ASP A 296 -28.36 18.46 -6.14
CA ASP A 296 -29.08 17.59 -5.20
C ASP A 296 -28.28 17.27 -3.94
N LEU A 297 -26.99 17.01 -4.09
CA LEU A 297 -26.12 16.61 -2.96
C LEU A 297 -26.04 17.69 -1.88
N PHE A 298 -25.97 18.95 -2.30
CA PHE A 298 -25.88 20.10 -1.39
C PHE A 298 -27.22 20.81 -1.27
N SER A 299 -28.18 20.12 -0.65
CA SER A 299 -29.52 20.66 -0.41
C SER A 299 -30.24 19.89 0.69
N LYS A 300 -31.41 20.40 1.10
CA LYS A 300 -32.28 19.73 2.07
C LYS A 300 -32.79 18.38 1.55
N TRP A 301 -33.03 18.28 0.24
CA TRP A 301 -33.57 17.06 -0.37
C TRP A 301 -32.54 15.97 -0.64
N ALA A 302 -31.26 16.23 -0.30
CA ALA A 302 -30.22 15.19 -0.34
C ALA A 302 -30.57 14.04 0.59
N ASP A 303 -30.21 12.82 0.20
CA ASP A 303 -30.45 11.62 0.99
C ASP A 303 -29.13 10.88 1.19
N LEU A 304 -28.48 11.15 2.33
CA LEU A 304 -27.24 10.48 2.71
C LEU A 304 -27.50 9.60 3.94
N SER A 305 -28.58 8.83 3.88
CA SER A 305 -29.02 7.96 4.97
C SER A 305 -28.19 6.67 5.10
N GLY A 306 -27.38 6.36 4.08
CA GLY A 306 -26.40 5.28 4.15
C GLY A 306 -25.15 5.62 4.96
N ILE A 307 -24.85 6.91 5.10
CA ILE A 307 -23.77 7.36 5.98
C ILE A 307 -24.27 7.27 7.42
N THR A 308 -25.39 7.95 7.70
CA THR A 308 -26.02 7.92 9.02
C THR A 308 -27.53 8.22 8.95
N LYS A 309 -28.31 7.54 9.77
CA LYS A 309 -29.77 7.70 9.81
C LYS A 309 -30.24 8.79 10.76
N GLN A 310 -29.52 8.98 11.87
CA GLN A 310 -29.96 9.80 13.01
C GLN A 310 -30.36 11.25 12.66
N GLN A 311 -29.64 11.88 11.73
CA GLN A 311 -29.94 13.25 11.30
C GLN A 311 -29.81 13.45 9.79
N LYS A 312 -30.38 14.56 9.32
CA LYS A 312 -30.26 14.99 7.93
C LYS A 312 -28.86 15.58 7.76
N LEU A 313 -28.21 15.26 6.63
CA LEU A 313 -26.80 15.59 6.43
C LEU A 313 -26.57 16.72 5.41
N GLU A 314 -27.53 17.66 5.36
CA GLU A 314 -27.34 18.94 4.65
C GLU A 314 -26.37 19.84 5.43
N ALA A 315 -25.99 20.97 4.83
CA ALA A 315 -25.00 21.89 5.41
C ALA A 315 -23.67 21.18 5.67
N SER A 316 -23.14 20.57 4.62
CA SER A 316 -21.88 19.83 4.65
C SER A 316 -20.90 20.49 3.67
N LYS A 317 -19.67 20.70 4.13
CA LYS A 317 -18.62 21.33 3.33
C LYS A 317 -17.72 20.30 2.65
N SER A 318 -17.06 20.71 1.58
CA SER A 318 -16.09 19.87 0.88
C SER A 318 -14.96 20.71 0.31
N PHE A 319 -13.73 20.34 0.66
CA PHE A 319 -12.53 21.11 0.30
C PHE A 319 -11.54 20.24 -0.47
N HIS A 320 -10.82 20.86 -1.40
CA HIS A 320 -9.74 20.20 -2.13
C HIS A 320 -8.61 21.19 -2.41
N LYS A 321 -7.38 20.77 -2.15
CA LYS A 321 -6.20 21.55 -2.50
C LYS A 321 -5.16 20.66 -3.19
N ALA A 322 -4.40 21.28 -4.10
CA ALA A 322 -3.33 20.62 -4.82
C ALA A 322 -2.31 21.65 -5.30
N THR A 323 -1.02 21.27 -5.23
CA THR A 323 0.10 22.15 -5.59
C THR A 323 0.86 21.58 -6.79
N LEU A 324 1.29 22.47 -7.68
CA LEU A 324 2.17 22.11 -8.78
C LEU A 324 3.59 22.51 -8.41
N ASP A 325 4.52 21.57 -8.45
CA ASP A 325 5.93 21.85 -8.21
C ASP A 325 6.75 21.48 -9.45
N VAL A 326 7.26 22.48 -10.15
CA VAL A 326 8.19 22.27 -11.26
C VAL A 326 9.59 22.61 -10.76
N ASP A 327 10.45 21.60 -10.74
CA ASP A 327 11.79 21.66 -10.16
C ASP A 327 12.78 21.05 -11.16
N GLU A 328 14.08 21.23 -10.91
CA GLU A 328 15.12 20.67 -11.78
C GLU A 328 15.09 19.14 -11.86
N ALA A 329 14.91 18.48 -10.72
CA ALA A 329 14.85 17.02 -10.65
C ALA A 329 13.51 16.51 -11.15
N GLY A 330 12.44 17.12 -10.65
CA GLY A 330 11.08 16.72 -11.02
C GLY A 330 10.09 17.56 -10.24
N THR A 331 9.57 17.00 -9.16
CA THR A 331 8.73 17.74 -8.20
C THR A 331 9.50 18.19 -6.95
N GLU A 332 10.58 17.48 -6.60
CA GLU A 332 11.34 17.74 -5.37
C GLU A 332 12.64 18.49 -5.65
N ALA A 333 13.08 19.30 -4.68
CA ALA A 333 14.32 20.09 -4.78
C ALA A 333 15.53 19.30 -4.27
N ALA A 346 28.39 20.78 -27.45
CA ALA A 346 28.15 19.80 -28.49
C ALA A 346 26.65 19.65 -28.77
N GLN A 347 25.99 20.79 -28.98
CA GLN A 347 24.52 20.85 -29.16
C GLN A 347 24.07 22.23 -29.67
N THR A 348 23.53 22.28 -30.88
CA THR A 348 23.19 23.56 -31.53
C THR A 348 21.74 23.55 -31.97
N ASN A 349 20.95 24.46 -31.41
CA ASN A 349 19.50 24.51 -31.58
C ASN A 349 19.06 25.66 -32.48
N ARG A 350 18.25 25.32 -33.48
CA ARG A 350 17.50 26.31 -34.26
C ARG A 350 16.02 26.37 -33.84
N HIS A 351 15.65 25.55 -32.85
CA HIS A 351 14.29 25.51 -32.29
C HIS A 351 14.33 25.88 -30.81
N ILE A 352 13.37 26.71 -30.39
CA ILE A 352 13.28 27.19 -29.02
C ILE A 352 11.83 27.19 -28.54
N LEU A 353 11.65 27.06 -27.22
CA LEU A 353 10.38 27.33 -26.55
C LEU A 353 10.66 27.99 -25.21
N ARG A 354 10.22 29.24 -25.06
CA ARG A 354 10.29 29.97 -23.80
C ARG A 354 8.92 30.01 -23.15
N PHE A 355 8.78 29.31 -22.02
CA PHE A 355 7.56 29.37 -21.20
C PHE A 355 7.64 30.60 -20.29
N ASN A 356 7.56 31.77 -20.93
CA ASN A 356 7.72 33.08 -20.29
C ASN A 356 6.42 33.91 -20.38
N ARG A 357 5.29 33.21 -20.46
CA ARG A 357 3.95 33.79 -20.43
C ARG A 357 2.98 32.66 -20.08
N PRO A 358 1.72 32.99 -19.69
CA PRO A 358 0.83 31.95 -19.16
C PRO A 358 0.71 30.69 -20.02
N PHE A 359 0.72 29.52 -19.36
CA PHE A 359 0.60 28.22 -20.03
C PHE A 359 -0.27 27.25 -19.22
N LEU A 360 -0.81 26.25 -19.90
CA LEU A 360 -1.63 25.20 -19.27
C LEU A 360 -0.76 24.00 -18.92
N VAL A 361 -1.20 23.24 -17.93
CA VAL A 361 -0.50 22.05 -17.46
C VAL A 361 -1.48 20.89 -17.35
N VAL A 362 -1.09 19.74 -17.89
CA VAL A 362 -1.88 18.51 -17.84
C VAL A 362 -0.97 17.35 -17.47
N ILE A 363 -0.94 17.00 -16.18
CA ILE A 363 -0.19 15.85 -15.70
C ILE A 363 -1.08 14.63 -15.90
N PHE A 364 -0.59 13.66 -16.68
CA PHE A 364 -1.41 12.58 -17.23
C PHE A 364 -0.76 11.23 -16.92
N SER A 365 -1.55 10.31 -16.36
CA SER A 365 -1.07 8.95 -16.08
C SER A 365 -1.30 8.08 -17.31
N THR A 366 -0.22 7.47 -17.80
CA THR A 366 -0.28 6.63 -19.01
C THR A 366 -0.78 5.22 -18.72
N SER A 367 -0.51 4.70 -17.52
CA SER A 367 -0.95 3.36 -17.13
C SER A 367 -2.46 3.25 -16.91
N THR A 368 -3.05 4.30 -16.34
CA THR A 368 -4.49 4.37 -16.08
C THR A 368 -5.26 5.25 -17.08
N GLN A 369 -4.55 5.91 -18.00
CA GLN A 369 -5.15 6.80 -19.00
C GLN A 369 -6.07 7.88 -18.37
N SER A 370 -5.60 8.47 -17.28
CA SER A 370 -6.38 9.45 -16.53
C SER A 370 -5.58 10.70 -16.20
N VAL A 371 -6.29 11.82 -16.05
CA VAL A 371 -5.70 13.12 -15.75
C VAL A 371 -5.48 13.22 -14.24
N LEU A 372 -4.22 13.07 -13.82
CA LEU A 372 -3.86 13.17 -12.40
C LEU A 372 -4.01 14.60 -11.89
N PHE A 373 -3.50 15.56 -12.66
CA PHE A 373 -3.67 16.99 -12.38
C PHE A 373 -3.96 17.79 -13.65
N LEU A 374 -4.60 18.93 -13.46
CA LEU A 374 -4.98 19.81 -14.56
C LEU A 374 -4.99 21.23 -14.03
N GLY A 375 -4.40 22.16 -14.78
CA GLY A 375 -4.33 23.55 -14.34
C GLY A 375 -3.65 24.52 -15.30
N LYS A 376 -3.52 25.76 -14.84
CA LYS A 376 -2.97 26.86 -15.62
C LYS A 376 -2.04 27.67 -14.75
N VAL A 377 -0.95 28.16 -15.34
CA VAL A 377 0.05 28.96 -14.65
C VAL A 377 -0.02 30.37 -15.20
N VAL A 378 -0.58 31.30 -14.41
CA VAL A 378 -0.74 32.70 -14.82
C VAL A 378 0.37 33.57 -14.25
N ASP A 379 0.65 33.42 -12.95
CA ASP A 379 1.79 34.04 -12.29
C ASP A 379 2.47 32.95 -11.43
N PRO A 380 3.71 32.54 -11.79
CA PRO A 380 4.37 31.47 -11.03
C PRO A 380 4.90 31.85 -9.63
N THR A 381 4.97 33.13 -9.31
CA THR A 381 5.54 33.60 -8.04
C THR A 381 4.56 33.69 -6.86
N LYS A 382 3.25 33.70 -7.13
CA LYS A 382 2.23 33.99 -6.11
C LYS A 382 2.24 33.02 -4.92
N PRO A 383 2.47 33.53 -3.69
CA PRO A 383 2.32 32.69 -2.50
C PRO A 383 0.86 32.39 -2.18
N GLY B 1 10.39 6.30 22.57
CA GLY B 1 11.09 5.60 21.44
C GLY B 1 10.19 5.29 20.26
N SER B 2 10.59 4.29 19.47
CA SER B 2 9.80 3.83 18.31
C SER B 2 8.59 2.99 18.75
N PRO B 3 7.47 3.04 17.99
CA PRO B 3 6.30 2.21 18.35
C PRO B 3 6.48 0.72 18.05
N SER B 4 6.99 0.39 16.87
CA SER B 4 7.18 -0.99 16.46
C SER B 4 8.23 -1.74 17.28
N LEU B 5 9.16 -0.99 17.89
CA LEU B 5 10.21 -1.57 18.72
C LEU B 5 9.75 -1.94 20.15
N LYS B 6 8.67 -1.31 20.62
CA LYS B 6 8.04 -1.71 21.90
C LYS B 6 7.38 -3.10 21.83
N ILE B 7 6.83 -3.44 20.66
CA ILE B 7 6.17 -4.73 20.44
C ILE B 7 7.08 -5.83 19.88
N ALA B 8 8.27 -5.47 19.42
CA ALA B 8 9.20 -6.44 18.81
C ALA B 8 9.67 -7.57 19.75
N PRO B 9 9.93 -7.25 21.04
CA PRO B 9 10.32 -8.32 21.99
C PRO B 9 9.23 -9.36 22.25
N ALA B 10 8.00 -8.90 22.44
CA ALA B 10 6.84 -9.78 22.63
C ALA B 10 6.59 -10.66 21.41
N ASN B 11 6.58 -10.05 20.23
CA ASN B 11 6.37 -10.77 18.96
C ASN B 11 7.44 -11.84 18.75
N ALA B 12 8.68 -11.52 19.12
CA ALA B 12 9.79 -12.47 19.09
C ALA B 12 9.63 -13.56 20.15
N ASP B 13 9.17 -13.17 21.34
CA ASP B 13 8.87 -14.13 22.43
C ASP B 13 7.81 -15.15 21.99
N PHE B 14 6.72 -14.66 21.40
CA PHE B 14 5.66 -15.52 20.87
C PHE B 14 6.14 -16.46 19.76
N ALA B 15 7.04 -15.97 18.90
CA ALA B 15 7.55 -16.75 17.77
C ALA B 15 8.11 -18.10 18.21
N PHE B 16 9.03 -18.08 19.18
CA PHE B 16 9.72 -19.28 19.62
C PHE B 16 8.92 -20.12 20.62
N ARG B 17 8.00 -19.48 21.36
CA ARG B 17 7.03 -20.21 22.19
C ARG B 17 6.09 -21.06 21.32
N PHE B 18 5.64 -20.48 20.20
CA PHE B 18 4.82 -21.20 19.23
C PHE B 18 5.62 -22.31 18.56
N TYR B 19 6.86 -22.02 18.18
CA TYR B 19 7.72 -23.04 17.56
C TYR B 19 7.95 -24.22 18.49
N TYR B 20 8.26 -23.94 19.75
CA TYR B 20 8.57 -24.98 20.74
C TYR B 20 7.40 -25.94 20.96
N LEU B 21 6.19 -25.38 21.00
CA LEU B 21 4.98 -26.18 21.15
C LEU B 21 4.76 -27.12 19.96
N ILE B 22 4.87 -26.59 18.75
CA ILE B 22 4.73 -27.40 17.54
C ILE B 22 5.86 -28.44 17.48
N ALA B 23 7.08 -28.01 17.81
CA ALA B 23 8.25 -28.89 17.82
C ALA B 23 8.15 -30.04 18.83
N SER B 24 7.60 -29.74 20.02
CA SER B 24 7.42 -30.76 21.06
C SER B 24 6.35 -31.79 20.67
N GLU B 25 5.18 -31.30 20.29
CA GLU B 25 4.01 -32.13 20.00
C GLU B 25 4.22 -33.05 18.79
N THR B 26 4.70 -32.47 17.69
CA THR B 26 4.97 -33.20 16.45
C THR B 26 6.48 -33.18 16.14
N PRO B 27 7.21 -34.26 16.50
CA PRO B 27 8.67 -34.18 16.52
C PRO B 27 9.40 -34.19 15.17
N GLY B 28 9.15 -35.20 14.33
CA GLY B 28 9.90 -35.40 13.09
C GLY B 28 9.22 -34.86 11.84
N LYS B 29 8.51 -33.74 11.98
CA LYS B 29 7.66 -33.19 10.93
C LYS B 29 8.14 -31.81 10.50
N ASN B 30 7.90 -31.47 9.24
CA ASN B 30 8.21 -30.13 8.71
C ASN B 30 7.41 -29.07 9.45
N ILE B 31 8.02 -27.90 9.61
CA ILE B 31 7.39 -26.76 10.27
C ILE B 31 7.64 -25.52 9.43
N PHE B 32 6.61 -24.70 9.21
CA PHE B 32 6.79 -23.35 8.65
C PHE B 32 5.55 -22.48 8.90
N PHE B 33 5.74 -21.42 9.68
CA PHE B 33 4.68 -20.48 10.02
C PHE B 33 5.26 -19.08 10.17
N SER B 34 4.38 -18.10 10.34
CA SER B 34 4.75 -16.69 10.46
C SER B 34 4.25 -16.18 11.81
N PRO B 35 5.15 -16.03 12.80
CA PRO B 35 4.81 -15.38 14.07
C PRO B 35 4.14 -14.01 13.91
N LEU B 36 4.56 -13.24 12.92
CA LEU B 36 4.06 -11.89 12.73
C LEU B 36 2.61 -11.84 12.26
N SER B 37 2.26 -12.64 11.26
CA SER B 37 0.88 -12.66 10.77
C SER B 37 -0.09 -13.20 11.82
N ILE B 38 0.37 -14.17 12.62
CA ILE B 38 -0.41 -14.67 13.74
C ILE B 38 -0.58 -13.57 14.80
N SER B 39 0.53 -12.97 15.23
CA SER B 39 0.49 -11.87 16.22
C SER B 39 -0.34 -10.67 15.72
N ALA B 40 -0.18 -10.32 14.44
CA ALA B 40 -0.88 -9.19 13.84
C ALA B 40 -2.40 -9.42 13.75
N ALA B 41 -2.79 -10.65 13.44
CA ALA B 41 -4.20 -11.02 13.35
C ALA B 41 -4.90 -11.06 14.71
N TYR B 42 -4.23 -11.62 15.72
CA TYR B 42 -4.82 -11.73 17.07
C TYR B 42 -4.79 -10.42 17.86
N ALA B 43 -3.83 -9.56 17.56
CA ALA B 43 -3.88 -8.18 18.03
C ALA B 43 -5.09 -7.49 17.41
N MET B 44 -5.28 -7.67 16.10
CA MET B 44 -6.44 -7.13 15.36
C MET B 44 -7.76 -7.67 15.91
N LEU B 45 -7.81 -8.97 16.20
CA LEU B 45 -8.98 -9.60 16.79
C LEU B 45 -9.28 -9.06 18.21
N SER B 46 -8.22 -8.71 18.96
CA SER B 46 -8.39 -8.19 20.33
C SER B 46 -9.21 -6.90 20.40
N LEU B 47 -9.21 -6.11 19.32
CA LEU B 47 -10.09 -4.92 19.22
C LEU B 47 -11.59 -5.26 19.34
N GLY B 48 -11.96 -6.46 18.92
CA GLY B 48 -13.31 -6.99 19.07
C GLY B 48 -13.62 -7.56 20.44
N ALA B 49 -12.61 -8.10 21.12
CA ALA B 49 -12.75 -8.60 22.50
C ALA B 49 -12.97 -7.46 23.50
N CYS B 50 -13.56 -7.80 24.64
CA CYS B 50 -13.93 -6.82 25.68
C CYS B 50 -13.34 -7.16 27.06
N SER B 51 -12.98 -6.11 27.79
CA SER B 51 -12.53 -6.17 29.20
C SER B 51 -11.53 -7.27 29.56
N HIS B 52 -12.02 -8.48 29.84
CA HIS B 52 -11.17 -9.58 30.33
C HIS B 52 -10.55 -10.37 29.18
N SER B 53 -11.37 -10.79 28.23
CA SER B 53 -10.91 -11.62 27.10
C SER B 53 -9.90 -10.91 26.17
N ARG B 54 -9.97 -9.59 26.10
CA ARG B 54 -8.96 -8.78 25.40
C ARG B 54 -7.60 -8.87 26.09
N SER B 55 -7.59 -8.79 27.42
CA SER B 55 -6.35 -8.93 28.19
C SER B 55 -5.72 -10.32 28.09
N GLN B 56 -6.56 -11.35 27.97
CA GLN B 56 -6.07 -12.73 27.79
C GLN B 56 -5.33 -12.92 26.46
N ILE B 57 -5.85 -12.30 25.40
CA ILE B 57 -5.25 -12.40 24.05
C ILE B 57 -3.90 -11.68 23.99
N LEU B 58 -3.85 -10.44 24.48
CA LEU B 58 -2.62 -9.65 24.46
C LEU B 58 -1.54 -10.24 25.36
N GLU B 59 -1.91 -10.70 26.55
CA GLU B 59 -0.97 -11.41 27.44
C GLU B 59 -0.50 -12.75 26.86
N GLY B 60 -1.35 -13.41 26.06
CA GLY B 60 -0.97 -14.62 25.33
C GLY B 60 0.06 -14.36 24.23
N LEU B 61 -0.10 -13.23 23.53
CA LEU B 61 0.85 -12.80 22.50
C LEU B 61 2.20 -12.31 23.05
N GLY B 62 2.32 -12.16 24.36
CA GLY B 62 3.59 -11.83 25.03
C GLY B 62 3.70 -10.41 25.56
N PHE B 63 2.63 -9.63 25.45
CA PHE B 63 2.65 -8.23 25.88
C PHE B 63 2.40 -8.09 27.37
N ASN B 64 3.26 -7.34 28.05
CA ASN B 64 3.07 -6.97 29.45
C ASN B 64 2.19 -5.73 29.48
N LEU B 65 0.98 -5.85 30.02
CA LEU B 65 -0.01 -4.77 29.99
C LEU B 65 0.15 -3.70 31.08
N THR B 66 1.03 -3.94 32.06
CA THR B 66 1.43 -2.90 33.03
C THR B 66 2.64 -2.10 32.51
N GLU B 67 3.42 -2.68 31.62
CA GLU B 67 4.51 -1.99 30.92
C GLU B 67 3.97 -1.18 29.74
N LEU B 68 3.26 -1.85 28.84
CA LEU B 68 2.66 -1.24 27.64
C LEU B 68 1.15 -1.08 27.80
N SER B 69 0.57 -0.08 27.13
CA SER B 69 -0.89 0.07 27.07
C SER B 69 -1.47 -0.69 25.86
N GLU B 70 -2.79 -0.70 25.76
CA GLU B 70 -3.47 -1.25 24.56
C GLU B 70 -3.14 -0.40 23.33
N SER B 71 -3.20 0.93 23.51
CA SER B 71 -2.88 1.89 22.45
C SER B 71 -1.43 1.80 21.96
N ASP B 72 -0.51 1.35 22.83
CA ASP B 72 0.88 1.08 22.43
C ASP B 72 1.01 -0.11 21.47
N VAL B 73 0.25 -1.18 21.71
CA VAL B 73 0.33 -2.40 20.89
C VAL B 73 -0.13 -2.12 19.45
N HIS B 74 -1.26 -1.44 19.31
CA HIS B 74 -1.86 -1.19 18.00
C HIS B 74 -1.10 -0.16 17.19
N ARG B 75 -0.63 0.91 17.85
CA ARG B 75 0.27 1.86 17.22
C ARG B 75 1.59 1.20 16.80
N GLY B 76 2.04 0.22 17.58
CA GLY B 76 3.20 -0.60 17.23
C GLY B 76 3.03 -1.35 15.93
N PHE B 77 1.93 -2.11 15.83
CA PHE B 77 1.60 -2.84 14.60
C PHE B 77 1.32 -1.92 13.41
N GLN B 78 0.78 -0.72 13.64
CA GLN B 78 0.54 0.22 12.56
C GLN B 78 1.85 0.67 11.91
N HIS B 79 2.82 1.02 12.76
CA HIS B 79 4.15 1.41 12.30
C HIS B 79 4.89 0.19 11.72
N LEU B 80 4.81 -0.93 12.42
CA LEU B 80 5.45 -2.19 11.99
C LEU B 80 5.00 -2.62 10.58
N LEU B 81 3.69 -2.63 10.36
CA LEU B 81 3.11 -2.96 9.05
C LEU B 81 3.39 -1.90 7.99
N HIS B 82 3.46 -0.63 8.39
CA HIS B 82 3.79 0.46 7.46
C HIS B 82 5.20 0.31 6.89
N THR B 83 6.15 -0.07 7.74
CA THR B 83 7.54 -0.28 7.33
C THR B 83 7.65 -1.44 6.34
N LEU B 84 6.97 -2.55 6.64
CA LEU B 84 7.04 -3.75 5.82
C LEU B 84 6.35 -3.64 4.45
N ASN B 85 5.48 -2.65 4.30
CA ASN B 85 4.81 -2.37 3.01
C ASN B 85 5.50 -1.26 2.18
N LEU B 86 6.74 -0.89 2.55
CA LEU B 86 7.51 0.10 1.78
C LEU B 86 8.10 -0.56 0.52
N PRO B 87 8.18 0.19 -0.60
CA PRO B 87 8.57 -0.29 -1.94
C PRO B 87 9.53 -1.49 -1.99
N GLY B 88 10.72 -1.35 -1.40
CA GLY B 88 11.67 -2.47 -1.31
C GLY B 88 12.41 -2.82 -2.59
N HIS B 89 13.53 -3.52 -2.43
CA HIS B 89 14.43 -3.86 -3.53
C HIS B 89 14.09 -5.25 -4.07
N GLY B 90 12.97 -5.32 -4.79
CA GLY B 90 12.36 -6.60 -5.19
C GLY B 90 11.76 -7.37 -4.03
N LEU B 91 11.63 -6.71 -2.87
CA LEU B 91 11.23 -7.34 -1.61
C LEU B 91 9.80 -6.95 -1.33
N GLU B 92 9.00 -7.93 -0.94
CA GLU B 92 7.61 -7.71 -0.56
C GLU B 92 7.30 -8.50 0.71
N THR B 93 6.76 -7.81 1.71
CA THR B 93 6.30 -8.42 2.96
C THR B 93 4.98 -7.78 3.39
N ARG B 94 3.88 -8.29 2.83
CA ARG B 94 2.53 -7.85 3.21
C ARG B 94 1.93 -8.82 4.22
N VAL B 95 1.71 -8.34 5.44
CA VAL B 95 1.04 -9.13 6.50
C VAL B 95 -0.44 -8.76 6.49
N GLY B 96 -1.29 -9.76 6.29
CA GLY B 96 -2.75 -9.56 6.20
C GLY B 96 -3.57 -10.50 7.07
N SER B 97 -4.83 -10.13 7.27
CA SER B 97 -5.81 -10.97 7.98
C SER B 97 -7.22 -10.75 7.45
N ALA B 98 -8.11 -11.70 7.76
CA ALA B 98 -9.53 -11.61 7.41
C ALA B 98 -10.41 -12.39 8.37
N LEU B 99 -11.56 -11.80 8.71
CA LEU B 99 -12.62 -12.49 9.46
C LEU B 99 -13.82 -12.70 8.57
N PHE B 100 -14.31 -13.93 8.51
CA PHE B 100 -15.55 -14.27 7.83
C PHE B 100 -16.59 -14.56 8.90
N LEU B 101 -17.60 -13.70 8.98
CA LEU B 101 -18.66 -13.78 9.98
C LEU B 101 -19.94 -14.37 9.36
N SER B 102 -20.76 -15.01 10.20
CA SER B 102 -22.03 -15.57 9.75
C SER B 102 -23.00 -14.46 9.40
N HIS B 103 -23.59 -14.52 8.20
CA HIS B 103 -24.59 -13.52 7.79
C HIS B 103 -25.80 -13.63 8.72
N ASN B 104 -26.44 -12.48 8.98
CA ASN B 104 -27.42 -12.29 10.07
C ASN B 104 -26.79 -11.96 11.43
N LEU B 105 -25.46 -11.79 11.48
CA LEU B 105 -24.76 -11.19 12.61
C LEU B 105 -24.07 -9.94 12.09
N LYS B 106 -24.54 -8.78 12.55
CA LYS B 106 -24.03 -7.49 12.06
C LYS B 106 -22.69 -7.15 12.73
N PHE B 107 -21.72 -6.69 11.93
CA PHE B 107 -20.48 -6.12 12.48
C PHE B 107 -20.78 -4.78 13.11
N LEU B 108 -20.17 -4.49 14.27
CA LEU B 108 -20.24 -3.16 14.86
C LEU B 108 -19.34 -2.20 14.06
N ALA B 109 -19.69 -0.92 14.08
CA ALA B 109 -18.96 0.11 13.33
C ALA B 109 -17.54 0.33 13.90
N LYS B 110 -17.42 0.36 15.22
CA LYS B 110 -16.13 0.53 15.89
C LYS B 110 -15.14 -0.53 15.42
N PHE B 111 -15.58 -1.79 15.39
CA PHE B 111 -14.73 -2.91 14.98
C PHE B 111 -14.28 -2.86 13.51
N LEU B 112 -15.18 -2.45 12.61
CA LEU B 112 -14.82 -2.25 11.20
C LEU B 112 -13.77 -1.16 11.04
N ASN B 113 -14.03 -0.01 11.66
CA ASN B 113 -13.16 1.16 11.56
C ASN B 113 -11.77 0.88 12.14
N ASP B 114 -11.72 0.30 13.34
CA ASP B 114 -10.46 0.06 14.04
C ASP B 114 -9.57 -0.98 13.38
N THR B 115 -10.17 -2.06 12.86
CA THR B 115 -9.42 -3.12 12.20
C THR B 115 -8.90 -2.69 10.83
N MET B 116 -9.77 -2.08 10.02
CA MET B 116 -9.40 -1.68 8.65
C MET B 116 -8.44 -0.49 8.61
N ALA B 117 -8.56 0.44 9.55
CA ALA B 117 -7.70 1.64 9.58
C ALA B 117 -6.26 1.30 9.92
N VAL B 118 -6.08 0.42 10.90
CA VAL B 118 -4.76 0.08 11.42
C VAL B 118 -4.15 -1.15 10.74
N TYR B 119 -4.90 -2.25 10.73
CA TYR B 119 -4.37 -3.54 10.26
C TYR B 119 -4.66 -3.85 8.78
N GLU B 120 -5.39 -2.97 8.11
CA GLU B 120 -5.91 -3.24 6.75
C GLU B 120 -6.58 -4.62 6.66
N ALA B 121 -7.41 -4.94 7.66
CA ALA B 121 -8.13 -6.21 7.70
C ALA B 121 -9.23 -6.22 6.67
N LYS B 122 -9.64 -7.41 6.25
CA LYS B 122 -10.70 -7.61 5.28
C LYS B 122 -11.81 -8.43 5.93
N LEU B 123 -12.91 -7.76 6.29
CA LEU B 123 -14.04 -8.40 6.97
C LEU B 123 -15.13 -8.74 5.95
N PHE B 124 -15.65 -9.97 6.02
CA PHE B 124 -16.65 -10.50 5.07
C PHE B 124 -17.82 -11.17 5.79
N HIS B 125 -18.96 -11.25 5.10
CA HIS B 125 -20.07 -12.11 5.50
C HIS B 125 -20.08 -13.35 4.61
N THR B 126 -20.40 -14.50 5.21
CA THR B 126 -20.73 -15.72 4.46
C THR B 126 -21.81 -16.49 5.20
N ASN B 127 -22.41 -17.45 4.48
CA ASN B 127 -23.40 -18.35 5.07
C ASN B 127 -22.73 -19.69 5.38
N PHE B 128 -22.44 -19.92 6.65
CA PHE B 128 -21.69 -21.11 7.09
C PHE B 128 -22.42 -22.45 6.94
N TYR B 129 -23.73 -22.41 6.70
CA TYR B 129 -24.46 -23.61 6.29
C TYR B 129 -24.05 -24.06 4.86
N ASP B 130 -23.69 -23.11 4.01
CA ASP B 130 -23.11 -23.39 2.68
C ASP B 130 -21.59 -23.63 2.84
N THR B 131 -21.24 -24.86 3.23
CA THR B 131 -19.84 -25.22 3.52
C THR B 131 -18.96 -25.29 2.25
N VAL B 132 -19.55 -25.68 1.13
CA VAL B 132 -18.82 -25.68 -0.15
C VAL B 132 -18.57 -24.24 -0.62
N GLY B 133 -19.53 -23.36 -0.38
CA GLY B 133 -19.45 -21.95 -0.80
C GLY B 133 -18.51 -21.09 0.03
N THR B 134 -18.52 -21.27 1.35
CA THR B 134 -17.66 -20.49 2.26
C THR B 134 -16.19 -20.87 2.13
N ILE B 135 -15.90 -22.17 2.02
CA ILE B 135 -14.53 -22.65 1.81
C ILE B 135 -13.98 -22.15 0.47
N GLN B 136 -14.84 -22.09 -0.55
CA GLN B 136 -14.49 -21.46 -1.84
C GLN B 136 -14.23 -19.95 -1.67
N LEU B 137 -15.07 -19.28 -0.89
CA LEU B 137 -14.95 -17.83 -0.63
C LEU B 137 -13.69 -17.49 0.18
N ILE B 138 -13.40 -18.28 1.22
CA ILE B 138 -12.23 -18.06 2.08
C ILE B 138 -10.93 -18.35 1.32
N ASN B 139 -10.86 -19.51 0.68
CA ASN B 139 -9.64 -19.94 -0.02
C ASN B 139 -9.29 -19.07 -1.23
N ASP B 140 -10.30 -18.64 -1.98
CA ASP B 140 -10.08 -17.69 -3.09
C ASP B 140 -9.56 -16.34 -2.61
N HIS B 141 -10.03 -15.87 -1.45
CA HIS B 141 -9.53 -14.61 -0.88
C HIS B 141 -8.06 -14.70 -0.48
N VAL B 142 -7.70 -15.78 0.22
CA VAL B 142 -6.32 -15.98 0.68
C VAL B 142 -5.38 -16.23 -0.51
N LYS B 143 -5.87 -16.94 -1.54
CA LYS B 143 -5.11 -17.12 -2.79
C LYS B 143 -4.87 -15.77 -3.49
N LYS B 144 -5.94 -14.99 -3.65
CA LYS B 144 -5.86 -13.66 -4.28
C LYS B 144 -4.90 -12.72 -3.54
N GLU B 145 -4.99 -12.70 -2.22
CA GLU B 145 -4.15 -11.81 -1.41
C GLU B 145 -2.69 -12.24 -1.30
N THR B 146 -2.42 -13.55 -1.37
CA THR B 146 -1.05 -14.09 -1.44
C THR B 146 -0.59 -14.37 -2.89
N ARG B 147 -1.39 -13.95 -3.87
CA ARG B 147 -1.07 -14.07 -5.30
C ARG B 147 -0.67 -15.49 -5.71
N GLY B 148 -1.50 -16.46 -5.33
CA GLY B 148 -1.36 -17.85 -5.75
C GLY B 148 -0.57 -18.78 -4.84
N LYS B 149 0.25 -18.23 -3.93
CA LYS B 149 1.24 -19.04 -3.20
C LYS B 149 0.62 -19.88 -2.06
N ILE B 150 -0.39 -19.34 -1.38
CA ILE B 150 -1.16 -20.09 -0.38
C ILE B 150 -2.50 -20.51 -1.00
N VAL B 151 -2.61 -21.79 -1.35
CA VAL B 151 -3.83 -22.35 -1.97
C VAL B 151 -4.43 -23.45 -1.09
N ASP B 152 -5.76 -23.52 -1.06
CA ASP B 152 -6.52 -24.51 -0.28
C ASP B 152 -6.20 -24.47 1.22
N LEU B 153 -6.44 -23.30 1.83
CA LEU B 153 -6.14 -23.08 3.24
C LEU B 153 -7.01 -23.94 4.13
N VAL B 154 -8.33 -23.74 4.01
CA VAL B 154 -9.32 -24.47 4.80
C VAL B 154 -9.76 -25.69 3.98
N SER B 155 -9.62 -26.88 4.57
CA SER B 155 -10.06 -28.13 3.95
C SER B 155 -11.50 -28.47 4.28
N GLU B 156 -11.88 -28.30 5.56
CA GLU B 156 -13.22 -28.62 6.06
C GLU B 156 -13.74 -27.59 7.07
N LEU B 157 -15.07 -27.58 7.24
CA LEU B 157 -15.74 -26.72 8.23
C LEU B 157 -17.05 -27.36 8.67
N LYS B 158 -17.38 -27.19 9.96
CA LYS B 158 -18.73 -27.51 10.45
C LYS B 158 -19.72 -26.48 9.92
N LYS B 159 -21.01 -26.75 10.16
CA LYS B 159 -22.09 -25.83 9.78
C LYS B 159 -22.53 -24.93 10.95
N ASP B 160 -22.29 -25.38 12.19
CA ASP B 160 -22.52 -24.55 13.39
C ASP B 160 -21.55 -23.37 13.54
N VAL B 161 -20.33 -23.54 13.03
CA VAL B 161 -19.28 -22.49 13.06
C VAL B 161 -19.84 -21.16 12.56
N LEU B 162 -19.59 -20.08 13.30
CA LEU B 162 -20.10 -18.74 12.94
C LEU B 162 -19.05 -17.60 12.94
N MET B 163 -17.76 -17.93 13.04
CA MET B 163 -16.69 -17.00 12.68
C MET B 163 -15.39 -17.77 12.36
N VAL B 164 -14.78 -17.44 11.23
CA VAL B 164 -13.47 -18.00 10.83
C VAL B 164 -12.47 -16.87 10.66
N LEU B 165 -11.33 -16.96 11.36
CA LEU B 165 -10.21 -16.02 11.20
C LEU B 165 -9.12 -16.67 10.35
N VAL B 166 -8.55 -15.92 9.42
CA VAL B 166 -7.41 -16.36 8.63
C VAL B 166 -6.31 -15.31 8.69
N ASN B 167 -5.06 -15.77 8.72
CA ASN B 167 -3.89 -14.89 8.59
C ASN B 167 -2.85 -15.48 7.64
N TYR B 168 -2.22 -14.60 6.87
CA TYR B 168 -1.30 -14.97 5.81
C TYR B 168 -0.21 -13.92 5.68
N ILE B 169 0.74 -14.19 4.78
CA ILE B 169 1.79 -13.23 4.45
C ILE B 169 2.31 -13.49 3.04
N TYR B 170 2.12 -12.53 2.15
CA TYR B 170 2.71 -12.56 0.81
C TYR B 170 4.18 -12.20 0.95
N PHE B 171 5.06 -13.11 0.53
CA PHE B 171 6.50 -12.95 0.69
C PHE B 171 7.25 -13.25 -0.62
N LYS B 172 7.68 -12.19 -1.30
CA LYS B 172 8.61 -12.30 -2.42
C LYS B 172 9.94 -11.70 -1.99
N ALA B 173 11.04 -12.34 -2.37
CA ALA B 173 12.39 -11.82 -2.10
C ALA B 173 13.42 -12.36 -3.10
N LEU B 174 14.50 -11.58 -3.30
CA LEU B 174 15.63 -11.99 -4.15
C LEU B 174 16.87 -12.14 -3.29
N TRP B 175 17.66 -13.19 -3.53
CA TRP B 175 18.93 -13.38 -2.82
C TRP B 175 19.89 -12.24 -3.16
N GLU B 176 20.71 -11.86 -2.18
CA GLU B 176 21.80 -10.90 -2.40
C GLU B 176 22.85 -11.54 -3.31
N LYS B 177 23.15 -12.81 -3.03
CA LYS B 177 24.07 -13.62 -3.81
C LYS B 177 23.32 -14.83 -4.35
N PRO B 178 22.70 -14.70 -5.55
CA PRO B 178 21.91 -15.80 -6.10
C PRO B 178 22.74 -16.98 -6.60
N PHE B 179 22.07 -18.10 -6.84
CA PHE B 179 22.72 -19.34 -7.27
C PHE B 179 22.58 -19.47 -8.79
N ILE B 180 23.48 -20.25 -9.39
CA ILE B 180 23.46 -20.51 -10.83
C ILE B 180 22.75 -21.86 -11.05
N SER B 181 21.62 -21.83 -11.74
CA SER B 181 20.75 -23.01 -11.87
C SER B 181 21.36 -24.16 -12.67
N SER B 182 22.23 -23.85 -13.63
CA SER B 182 22.92 -24.90 -14.41
C SER B 182 23.82 -25.79 -13.55
N ARG B 183 24.30 -25.27 -12.42
CA ARG B 183 25.11 -26.03 -11.47
C ARG B 183 24.29 -26.69 -10.34
N THR B 184 22.97 -26.78 -10.52
CA THR B 184 22.08 -27.44 -9.56
C THR B 184 21.76 -28.83 -10.08
N THR B 185 21.93 -29.85 -9.23
CA THR B 185 21.63 -31.25 -9.58
C THR B 185 21.10 -32.04 -8.37
N PRO B 186 20.46 -33.20 -8.61
CA PRO B 186 19.96 -34.01 -7.50
C PRO B 186 21.08 -34.61 -6.64
N LYS B 187 20.97 -34.44 -5.32
CA LYS B 187 21.86 -35.04 -4.34
C LYS B 187 21.04 -35.64 -3.18
N ASP B 188 21.69 -36.43 -2.33
CA ASP B 188 21.01 -37.09 -1.21
C ASP B 188 20.76 -36.12 -0.05
N PHE B 189 19.62 -36.32 0.63
CA PHE B 189 19.25 -35.58 1.84
C PHE B 189 18.87 -36.61 2.90
N TYR B 190 19.61 -36.64 4.01
CA TYR B 190 19.45 -37.66 5.03
C TYR B 190 18.52 -37.19 6.15
N VAL B 191 17.24 -37.50 6.01
CA VAL B 191 16.23 -37.09 7.02
C VAL B 191 16.45 -37.80 8.36
N ASP B 192 16.89 -39.05 8.31
CA ASP B 192 17.37 -39.80 9.48
C ASP B 192 18.24 -40.98 9.01
N GLU B 193 18.81 -41.73 9.95
CA GLU B 193 19.65 -42.89 9.61
C GLU B 193 18.85 -44.08 9.01
N ASN B 194 17.52 -44.08 9.16
CA ASN B 194 16.66 -45.05 8.48
C ASN B 194 16.44 -44.73 7.00
N THR B 195 16.07 -43.49 6.67
CA THR B 195 15.64 -43.11 5.32
C THR B 195 16.41 -41.94 4.69
N THR B 196 16.50 -41.97 3.35
CA THR B 196 17.27 -40.99 2.56
C THR B 196 16.45 -40.55 1.34
N VAL B 197 16.50 -39.26 1.02
CA VAL B 197 15.65 -38.65 0.00
C VAL B 197 16.49 -37.87 -1.02
N ARG B 198 16.03 -37.83 -2.26
CA ARG B 198 16.70 -37.07 -3.33
C ARG B 198 16.07 -35.68 -3.47
N VAL B 199 16.90 -34.64 -3.42
CA VAL B 199 16.46 -33.26 -3.63
C VAL B 199 17.41 -32.56 -4.61
N PRO B 200 16.88 -31.67 -5.47
CA PRO B 200 17.77 -30.79 -6.21
C PRO B 200 18.61 -29.93 -5.25
N MET B 201 19.93 -29.95 -5.41
CA MET B 201 20.87 -29.26 -4.52
C MET B 201 21.63 -28.20 -5.29
N MET B 202 21.49 -26.94 -4.86
CA MET B 202 22.15 -25.80 -5.51
C MET B 202 23.59 -25.75 -5.01
N LEU B 203 24.47 -25.10 -5.77
CA LEU B 203 25.90 -24.99 -5.45
C LEU B 203 26.42 -23.58 -5.69
N GLN B 204 27.18 -23.06 -4.72
CA GLN B 204 27.73 -21.70 -4.79
C GLN B 204 29.09 -21.66 -4.07
N ASP B 205 30.17 -21.52 -4.85
CA ASP B 205 31.53 -21.60 -4.31
C ASP B 205 32.49 -20.47 -4.73
N GLN B 206 31.93 -19.37 -5.28
CA GLN B 206 32.71 -18.18 -5.64
C GLN B 206 32.47 -17.00 -4.69
N GLU B 207 31.57 -17.18 -3.72
CA GLU B 207 31.14 -16.09 -2.84
C GLU B 207 31.68 -16.28 -1.43
N HIS B 208 31.96 -15.15 -0.78
CA HIS B 208 32.08 -15.11 0.68
C HIS B 208 30.67 -15.18 1.27
N HIS B 209 30.56 -15.80 2.45
CA HIS B 209 29.32 -15.90 3.18
C HIS B 209 29.55 -15.60 4.64
N TRP B 210 28.49 -15.16 5.32
CA TRP B 210 28.53 -14.95 6.76
C TRP B 210 28.10 -16.28 7.37
N TYR B 211 29.03 -16.95 8.06
CA TYR B 211 28.72 -18.22 8.72
C TYR B 211 29.67 -18.48 9.88
N LEU B 212 29.24 -19.33 10.80
CA LEU B 212 30.03 -19.70 11.96
C LEU B 212 29.75 -21.14 12.38
N HIS B 213 30.65 -21.69 13.19
CA HIS B 213 30.45 -22.98 13.83
C HIS B 213 30.40 -22.66 15.30
N ASP B 214 29.24 -22.86 15.92
CA ASP B 214 29.01 -22.34 17.27
C ASP B 214 29.96 -23.02 18.25
N ARG B 215 30.55 -22.22 19.13
CA ARG B 215 31.56 -22.67 20.08
C ARG B 215 30.93 -23.42 21.25
N TYR B 216 29.86 -22.83 21.80
N TYR B 216 29.85 -22.84 21.80
CA TYR B 216 29.17 -23.31 23.00
CA TYR B 216 29.21 -23.38 23.00
C TYR B 216 28.01 -24.29 22.71
C TYR B 216 28.02 -24.32 22.71
N LEU B 217 27.40 -24.16 21.54
CA LEU B 217 26.31 -25.07 21.08
C LEU B 217 26.81 -26.00 19.97
N PRO B 218 26.10 -27.13 19.72
CA PRO B 218 26.49 -28.05 18.66
C PRO B 218 25.79 -27.78 17.32
N CYS B 219 26.06 -26.61 16.72
CA CYS B 219 25.46 -26.25 15.44
C CYS B 219 26.27 -25.21 14.67
N SER B 220 26.15 -25.26 13.35
CA SER B 220 26.67 -24.23 12.46
C SER B 220 25.51 -23.39 11.94
N VAL B 221 25.72 -22.07 11.83
CA VAL B 221 24.67 -21.13 11.45
C VAL B 221 25.14 -20.32 10.24
N LEU B 222 24.43 -20.49 9.11
CA LEU B 222 24.64 -19.71 7.90
C LEU B 222 23.66 -18.55 7.86
N ARG B 223 24.15 -17.36 7.49
CA ARG B 223 23.31 -16.16 7.34
C ARG B 223 23.36 -15.69 5.89
N MET B 224 22.21 -15.71 5.21
CA MET B 224 22.08 -15.26 3.83
C MET B 224 21.11 -14.10 3.72
N ASP B 225 21.59 -12.96 3.24
CA ASP B 225 20.76 -11.78 3.05
C ASP B 225 19.94 -11.87 1.77
N TYR B 226 18.74 -11.29 1.84
CA TYR B 226 17.97 -10.96 0.65
C TYR B 226 18.30 -9.53 0.27
N LYS B 227 17.88 -9.14 -0.93
CA LYS B 227 17.89 -7.73 -1.33
C LYS B 227 16.75 -7.04 -0.59
N GLY B 228 17.02 -5.83 -0.10
CA GLY B 228 16.15 -5.17 0.87
C GLY B 228 16.49 -5.60 2.29
N ASP B 229 15.66 -5.20 3.25
CA ASP B 229 15.92 -5.39 4.68
C ASP B 229 15.42 -6.74 5.21
N ALA B 230 15.96 -7.84 4.67
CA ALA B 230 15.51 -9.19 5.03
C ALA B 230 16.66 -10.20 4.96
N THR B 231 16.65 -11.15 5.89
CA THR B 231 17.74 -12.12 6.06
C THR B 231 17.20 -13.49 6.46
N VAL B 232 17.86 -14.55 6.01
CA VAL B 232 17.54 -15.91 6.45
C VAL B 232 18.72 -16.49 7.25
N PHE B 233 18.42 -16.95 8.47
CA PHE B 233 19.39 -17.72 9.26
C PHE B 233 19.08 -19.19 9.07
N PHE B 234 19.98 -19.90 8.39
CA PHE B 234 19.90 -21.36 8.25
C PHE B 234 20.76 -22.02 9.33
N ILE B 235 20.12 -22.49 10.40
CA ILE B 235 20.82 -23.19 11.48
C ILE B 235 20.86 -24.68 11.17
N LEU B 236 22.07 -25.20 10.98
CA LEU B 236 22.31 -26.62 10.72
C LEU B 236 22.89 -27.27 11.98
N PRO B 237 22.06 -28.03 12.72
CA PRO B 237 22.59 -28.74 13.90
C PRO B 237 23.45 -29.93 13.53
N ASN B 238 24.34 -30.32 14.44
CA ASN B 238 25.19 -31.51 14.26
C ASN B 238 24.31 -32.75 14.24
N GLN B 239 24.82 -33.83 13.68
CA GLN B 239 24.03 -35.03 13.47
C GLN B 239 23.51 -35.59 14.80
N GLY B 240 22.20 -35.77 14.89
CA GLY B 240 21.53 -36.27 16.09
C GLY B 240 21.29 -35.25 17.20
N LYS B 241 21.56 -33.97 16.94
CA LYS B 241 21.46 -32.91 17.97
C LYS B 241 20.39 -31.87 17.61
N MET B 242 19.30 -32.31 16.97
CA MET B 242 18.24 -31.42 16.54
C MET B 242 17.48 -30.86 17.75
N ARG B 243 17.01 -31.74 18.64
CA ARG B 243 16.24 -31.29 19.80
C ARG B 243 17.10 -30.64 20.90
N GLU B 244 18.43 -30.74 20.78
CA GLU B 244 19.34 -29.97 21.65
C GLU B 244 19.34 -28.49 21.30
N ILE B 245 19.33 -28.17 20.00
CA ILE B 245 19.27 -26.79 19.51
C ILE B 245 17.90 -26.16 19.73
N GLU B 246 16.84 -26.94 19.49
CA GLU B 246 15.46 -26.47 19.75
C GLU B 246 15.21 -26.15 21.22
N GLU B 247 15.90 -26.84 22.13
CA GLU B 247 15.73 -26.64 23.57
C GLU B 247 16.28 -25.29 24.07
N VAL B 248 17.17 -24.66 23.29
CA VAL B 248 17.72 -23.33 23.62
C VAL B 248 17.49 -22.31 22.49
N LEU B 249 16.46 -22.54 21.68
CA LEU B 249 16.14 -21.66 20.55
C LEU B 249 15.22 -20.52 21.01
N THR B 250 15.77 -19.58 21.78
CA THR B 250 15.02 -18.45 22.36
C THR B 250 15.22 -17.19 21.51
N PRO B 251 14.48 -16.10 21.81
CA PRO B 251 14.70 -14.85 21.06
C PRO B 251 16.07 -14.21 21.27
N GLU B 252 16.63 -14.38 22.47
CA GLU B 252 17.96 -13.86 22.79
C GLU B 252 19.10 -14.68 22.14
N MET B 253 18.83 -15.94 21.84
CA MET B 253 19.75 -16.79 21.06
C MET B 253 19.81 -16.37 19.59
N LEU B 254 18.72 -15.82 19.06
CA LEU B 254 18.70 -15.26 17.71
C LEU B 254 19.52 -13.97 17.65
N MET B 255 19.35 -13.11 18.66
CA MET B 255 20.13 -11.87 18.78
C MET B 255 21.63 -12.12 19.02
N ARG B 256 21.95 -13.28 19.61
CA ARG B 256 23.35 -13.71 19.75
C ARG B 256 23.95 -14.06 18.39
N TRP B 257 23.30 -14.96 17.65
CA TRP B 257 23.73 -15.34 16.29
C TRP B 257 23.70 -14.15 15.32
N ASN B 258 22.69 -13.30 15.46
CA ASN B 258 22.59 -12.07 14.67
C ASN B 258 23.79 -11.14 14.91
N ASN B 259 24.18 -10.98 16.17
CA ASN B 259 25.30 -10.08 16.54
C ASN B 259 26.68 -10.64 16.20
N LEU B 260 26.85 -11.96 16.28
CA LEU B 260 28.08 -12.63 15.84
C LEU B 260 28.26 -12.50 14.33
N LEU B 261 27.20 -12.81 13.58
CA LEU B 261 27.25 -12.79 12.11
C LEU B 261 27.18 -11.39 11.49
N ARG B 262 27.22 -10.32 12.29
CA ARG B 262 27.46 -8.95 11.78
C ARG B 262 28.95 -8.60 11.76
N LYS B 263 29.74 -9.28 12.60
CA LYS B 263 31.19 -9.05 12.68
C LYS B 263 31.89 -9.58 11.43
N ARG B 264 32.88 -8.83 10.92
CA ARG B 264 33.60 -9.20 9.69
C ARG B 264 34.40 -10.50 9.86
N ASN B 265 34.81 -10.78 11.10
CA ASN B 265 35.47 -12.04 11.48
C ASN B 265 34.89 -13.30 10.81
N PHE B 266 33.57 -13.39 10.79
CA PHE B 266 32.85 -14.57 10.29
C PHE B 266 32.43 -14.50 8.81
N TYR B 267 32.89 -13.49 8.07
CA TYR B 267 32.56 -13.31 6.66
C TYR B 267 33.65 -13.94 5.78
N LYS B 268 33.59 -15.27 5.67
CA LYS B 268 34.66 -16.06 5.06
C LYS B 268 34.20 -16.76 3.78
N LYS B 269 35.15 -17.36 3.07
CA LYS B 269 34.85 -18.11 1.84
C LYS B 269 34.21 -19.44 2.21
N LEU B 270 33.35 -19.95 1.33
CA LEU B 270 32.59 -21.17 1.61
C LEU B 270 32.10 -21.85 0.34
N GLU B 271 32.20 -23.18 0.31
CA GLU B 271 31.50 -23.99 -0.67
C GLU B 271 30.14 -24.36 -0.06
N LEU B 272 29.08 -23.72 -0.56
CA LEU B 272 27.74 -23.87 0.00
C LEU B 272 26.91 -24.83 -0.85
N HIS B 273 26.37 -25.86 -0.21
CA HIS B 273 25.41 -26.77 -0.84
C HIS B 273 24.07 -26.60 -0.12
N LEU B 274 23.15 -25.89 -0.77
CA LEU B 274 21.83 -25.55 -0.21
C LEU B 274 20.74 -26.09 -1.15
N PRO B 275 19.77 -26.87 -0.61
CA PRO B 275 18.78 -27.52 -1.48
C PRO B 275 17.77 -26.56 -2.12
N LYS B 276 17.28 -26.93 -3.31
CA LYS B 276 16.21 -26.22 -4.00
C LYS B 276 14.95 -27.02 -3.69
N PHE B 277 14.04 -26.41 -2.92
CA PHE B 277 12.88 -27.11 -2.38
C PHE B 277 11.77 -26.14 -2.01
N SER B 278 10.63 -26.72 -1.65
CA SER B 278 9.55 -25.99 -1.01
C SER B 278 8.89 -26.86 0.05
N ILE B 279 8.59 -26.27 1.21
CA ILE B 279 7.76 -26.90 2.24
C ILE B 279 6.64 -25.97 2.65
N SER B 280 5.60 -26.54 3.25
CA SER B 280 4.45 -25.79 3.72
C SER B 280 4.10 -26.18 5.14
N GLY B 281 3.31 -25.33 5.79
CA GLY B 281 2.88 -25.56 7.16
C GLY B 281 1.52 -24.95 7.42
N SER B 282 0.47 -25.75 7.22
CA SER B 282 -0.91 -25.37 7.54
C SER B 282 -1.18 -25.69 9.02
N TYR B 283 -1.83 -24.76 9.72
CA TYR B 283 -2.09 -24.89 11.16
C TYR B 283 -3.51 -24.48 11.54
N VAL B 284 -4.12 -25.24 12.46
CA VAL B 284 -5.46 -24.97 12.97
C VAL B 284 -5.33 -24.29 14.34
N LEU B 285 -5.29 -22.96 14.32
CA LEU B 285 -4.90 -22.18 15.50
C LEU B 285 -5.86 -22.25 16.69
N ASP B 286 -7.16 -22.36 16.43
CA ASP B 286 -8.14 -22.56 17.50
C ASP B 286 -7.90 -23.84 18.32
N GLN B 287 -7.30 -24.86 17.70
CA GLN B 287 -6.88 -26.08 18.39
C GLN B 287 -5.50 -25.95 19.05
N ILE B 288 -4.59 -25.24 18.39
CA ILE B 288 -3.22 -25.10 18.88
C ILE B 288 -3.09 -24.06 20.00
N LEU B 289 -3.66 -22.88 19.80
CA LEU B 289 -3.40 -21.72 20.67
C LEU B 289 -3.84 -21.84 22.14
N PRO B 290 -4.92 -22.60 22.45
CA PRO B 290 -5.27 -22.77 23.87
C PRO B 290 -4.12 -23.18 24.81
N ARG B 291 -3.21 -24.01 24.31
CA ARG B 291 -2.05 -24.45 25.08
C ARG B 291 -0.97 -23.36 25.29
N LEU B 292 -1.03 -22.29 24.49
CA LEU B 292 -0.18 -21.09 24.70
C LEU B 292 -0.88 -19.97 25.48
N GLY B 293 -1.98 -20.28 26.18
CA GLY B 293 -2.71 -19.31 27.00
C GLY B 293 -3.75 -18.48 26.26
N PHE B 294 -4.42 -19.10 25.28
CA PHE B 294 -5.56 -18.49 24.59
C PHE B 294 -6.82 -19.32 24.85
N THR B 295 -6.94 -19.85 26.07
CA THR B 295 -8.05 -20.74 26.43
C THR B 295 -9.39 -19.98 26.51
N ASP B 296 -9.34 -18.79 27.11
CA ASP B 296 -10.53 -17.95 27.28
C ASP B 296 -11.19 -17.54 25.96
N LEU B 297 -10.37 -17.24 24.96
CA LEU B 297 -10.86 -16.78 23.65
C LEU B 297 -11.69 -17.85 22.92
N PHE B 298 -11.25 -19.10 23.00
CA PHE B 298 -11.94 -20.23 22.38
C PHE B 298 -12.74 -21.01 23.42
N SER B 299 -13.78 -20.38 23.94
CA SER B 299 -14.65 -20.98 24.95
C SER B 299 -15.99 -20.24 25.03
N LYS B 300 -16.89 -20.76 25.86
CA LYS B 300 -18.17 -20.09 26.18
C LYS B 300 -17.97 -18.78 26.95
N TRP B 301 -16.93 -18.72 27.79
CA TRP B 301 -16.62 -17.54 28.59
C TRP B 301 -15.95 -16.39 27.81
N ALA B 302 -15.70 -16.58 26.50
CA ALA B 302 -15.19 -15.51 25.63
C ALA B 302 -16.20 -14.38 25.49
N ASP B 303 -15.70 -13.14 25.51
CA ASP B 303 -16.52 -11.93 25.35
C ASP B 303 -16.02 -11.14 24.15
N LEU B 304 -16.52 -11.52 22.97
CA LEU B 304 -16.24 -10.81 21.72
C LEU B 304 -17.47 -9.98 21.31
N SER B 305 -18.00 -9.23 22.27
CA SER B 305 -19.19 -8.42 22.06
C SER B 305 -18.90 -7.11 21.30
N GLY B 306 -17.62 -6.74 21.19
CA GLY B 306 -17.18 -5.65 20.32
C GLY B 306 -17.29 -5.97 18.83
N ILE B 307 -17.26 -7.25 18.48
CA ILE B 307 -17.42 -7.67 17.08
C ILE B 307 -18.91 -7.60 16.70
N THR B 308 -19.74 -8.30 17.48
CA THR B 308 -21.19 -8.29 17.32
C THR B 308 -21.90 -8.65 18.63
N LYS B 309 -22.99 -7.95 18.93
CA LYS B 309 -23.77 -8.17 20.15
C LYS B 309 -24.83 -9.27 20.01
N GLN B 310 -25.28 -9.50 18.78
CA GLN B 310 -26.48 -10.32 18.51
C GLN B 310 -26.38 -11.82 18.87
N GLN B 311 -25.15 -12.35 18.95
CA GLN B 311 -24.94 -13.74 19.41
C GLN B 311 -23.63 -13.91 20.19
N LYS B 312 -23.58 -14.99 20.95
CA LYS B 312 -22.37 -15.42 21.63
C LYS B 312 -21.46 -16.03 20.56
N LEU B 313 -20.23 -15.54 20.48
CA LEU B 313 -19.35 -15.83 19.33
C LEU B 313 -18.32 -16.96 19.57
N GLU B 314 -18.70 -17.92 20.41
CA GLU B 314 -17.95 -19.18 20.57
C GLU B 314 -18.09 -20.07 19.33
N ALA B 315 -17.42 -21.22 19.34
CA ALA B 315 -17.37 -22.13 18.19
C ALA B 315 -16.81 -21.40 16.96
N SER B 316 -15.63 -20.81 17.15
CA SER B 316 -14.93 -20.07 16.10
C SER B 316 -13.67 -20.84 15.72
N LYS B 317 -13.34 -20.82 14.43
CA LYS B 317 -12.13 -21.46 13.89
C LYS B 317 -11.11 -20.40 13.49
N SER B 318 -9.83 -20.79 13.50
CA SER B 318 -8.74 -19.92 13.06
C SER B 318 -7.64 -20.71 12.34
N PHE B 319 -7.35 -20.32 11.09
CA PHE B 319 -6.40 -21.02 10.24
C PHE B 319 -5.23 -20.12 9.84
N HIS B 320 -4.14 -20.77 9.46
CA HIS B 320 -2.95 -20.11 8.93
C HIS B 320 -2.07 -21.10 8.17
N LYS B 321 -1.63 -20.72 6.98
CA LYS B 321 -0.66 -21.49 6.20
C LYS B 321 0.44 -20.60 5.67
N ALA B 322 1.67 -21.12 5.69
CA ALA B 322 2.85 -20.46 5.14
C ALA B 322 3.65 -21.48 4.33
N THR B 323 4.28 -21.01 3.26
CA THR B 323 5.13 -21.85 2.42
C THR B 323 6.52 -21.23 2.26
N LEU B 324 7.55 -22.03 2.57
CA LEU B 324 8.95 -21.64 2.38
C LEU B 324 9.39 -22.00 0.96
N ASP B 325 9.89 -21.01 0.22
CA ASP B 325 10.43 -21.24 -1.14
C ASP B 325 11.91 -20.88 -1.20
N VAL B 326 12.76 -21.88 -1.40
CA VAL B 326 14.20 -21.70 -1.58
C VAL B 326 14.54 -22.02 -3.04
N ASP B 327 14.82 -20.98 -3.82
CA ASP B 327 15.11 -21.09 -5.26
C ASP B 327 16.50 -20.50 -5.55
N GLU B 328 16.94 -20.59 -6.81
CA GLU B 328 18.21 -19.99 -7.24
C GLU B 328 18.22 -18.46 -7.18
N ALA B 329 17.09 -17.83 -7.54
CA ALA B 329 16.95 -16.38 -7.52
C ALA B 329 16.59 -15.83 -6.14
N GLY B 330 15.87 -16.62 -5.35
CA GLY B 330 15.41 -16.20 -4.02
C GLY B 330 14.23 -17.04 -3.55
N THR B 331 13.03 -16.53 -3.79
CA THR B 331 11.77 -17.27 -3.61
C THR B 331 11.12 -17.68 -4.95
N GLU B 332 11.40 -16.93 -6.02
CA GLU B 332 10.78 -17.15 -7.34
C GLU B 332 11.71 -17.89 -8.29
N ALA B 333 11.09 -18.55 -9.29
CA ALA B 333 11.81 -19.08 -10.45
C ALA B 333 11.85 -18.00 -11.53
N ALA B 334 12.98 -17.90 -12.22
CA ALA B 334 13.18 -16.87 -13.26
C ALA B 334 14.30 -17.30 -14.25
N ALA B 335 14.81 -16.35 -15.04
CA ALA B 335 15.91 -16.62 -15.97
C ALA B 335 17.21 -16.94 -15.23
N PHE B 344 34.88 -19.07 -15.57
CA PHE B 344 34.76 -20.47 -15.20
C PHE B 344 34.60 -20.63 -13.69
N SER B 345 35.64 -20.27 -12.93
CA SER B 345 35.61 -20.34 -11.47
C SER B 345 36.71 -19.45 -10.83
N ALA B 346 37.93 -19.97 -10.73
CA ALA B 346 39.06 -19.29 -10.07
C ALA B 346 38.84 -18.96 -8.58
N GLN B 347 38.15 -19.86 -7.87
CA GLN B 347 38.13 -19.86 -6.39
C GLN B 347 38.10 -21.30 -5.87
N THR B 348 38.86 -21.53 -4.80
CA THR B 348 39.02 -22.85 -4.20
C THR B 348 38.74 -22.75 -2.71
N ASN B 349 37.98 -23.71 -2.18
CA ASN B 349 37.50 -23.67 -0.81
C ASN B 349 38.08 -24.78 0.06
N ARG B 350 38.47 -24.40 1.29
CA ARG B 350 38.81 -25.35 2.36
C ARG B 350 37.70 -25.44 3.43
N HIS B 351 36.66 -24.62 3.30
CA HIS B 351 35.46 -24.68 4.14
C HIS B 351 34.29 -25.17 3.30
N ILE B 352 33.39 -25.92 3.95
CA ILE B 352 32.18 -26.42 3.30
C ILE B 352 31.02 -26.44 4.28
N LEU B 353 29.80 -26.28 3.75
CA LEU B 353 28.57 -26.52 4.50
C LEU B 353 27.59 -27.21 3.56
N ARG B 354 27.25 -28.47 3.88
CA ARG B 354 26.22 -29.22 3.17
C ARG B 354 24.95 -29.27 4.02
N PHE B 355 23.91 -28.57 3.58
CA PHE B 355 22.57 -28.69 4.19
C PHE B 355 21.88 -29.89 3.54
N ASN B 356 22.28 -31.08 4.00
CA ASN B 356 21.78 -32.35 3.48
C ASN B 356 21.21 -33.20 4.63
N ARG B 357 20.74 -32.53 5.67
CA ARG B 357 20.06 -33.16 6.80
C ARG B 357 19.17 -32.10 7.48
N PRO B 358 18.35 -32.47 8.48
CA PRO B 358 17.41 -31.46 9.01
C PRO B 358 18.08 -30.17 9.51
N PHE B 359 17.55 -29.04 9.07
CA PHE B 359 18.03 -27.71 9.48
C PHE B 359 16.85 -26.79 9.80
N LEU B 360 17.13 -25.74 10.57
CA LEU B 360 16.14 -24.72 10.92
C LEU B 360 16.24 -23.52 10.00
N VAL B 361 15.15 -22.77 9.90
CA VAL B 361 15.08 -21.55 9.11
C VAL B 361 14.46 -20.46 9.97
N VAL B 362 15.06 -19.27 9.94
CA VAL B 362 14.51 -18.08 10.59
C VAL B 362 14.63 -16.92 9.60
N ILE B 363 13.53 -16.56 8.95
CA ILE B 363 13.50 -15.37 8.08
C ILE B 363 13.18 -14.16 8.96
N PHE B 364 14.03 -13.13 8.85
CA PHE B 364 14.08 -12.03 9.82
C PHE B 364 14.10 -10.70 9.08
N SER B 365 13.21 -9.79 9.45
CA SER B 365 13.17 -8.44 8.87
C SER B 365 14.06 -7.52 9.71
N THR B 366 15.13 -7.02 9.09
CA THR B 366 16.13 -6.20 9.79
C THR B 366 15.68 -4.76 10.05
N SER B 367 14.76 -4.24 9.24
CA SER B 367 14.19 -2.90 9.44
C SER B 367 13.28 -2.86 10.67
N THR B 368 12.48 -3.91 10.84
CA THR B 368 11.50 -4.00 11.94
C THR B 368 11.95 -4.90 13.09
N GLN B 369 13.08 -5.59 12.95
CA GLN B 369 13.62 -6.49 13.98
C GLN B 369 12.62 -7.58 14.39
N SER B 370 11.90 -8.13 13.40
CA SER B 370 10.84 -9.13 13.67
C SER B 370 11.07 -10.42 12.89
N VAL B 371 10.63 -11.52 13.49
CA VAL B 371 10.76 -12.86 12.90
C VAL B 371 9.59 -13.06 11.94
N LEU B 372 9.83 -12.80 10.66
CA LEU B 372 8.79 -12.91 9.63
C LEU B 372 8.32 -14.35 9.46
N PHE B 373 9.28 -15.26 9.35
CA PHE B 373 9.00 -16.70 9.35
C PHE B 373 9.96 -17.43 10.28
N LEU B 374 9.62 -18.68 10.57
CA LEU B 374 10.36 -19.49 11.52
C LEU B 374 9.91 -20.93 11.32
N GLY B 375 10.87 -21.85 11.13
CA GLY B 375 10.50 -23.23 10.88
C GLY B 375 11.66 -24.21 10.77
N LYS B 376 11.32 -25.41 10.29
CA LYS B 376 12.26 -26.53 10.19
C LYS B 376 11.99 -27.29 8.89
N VAL B 377 13.08 -27.71 8.25
CA VAL B 377 13.00 -28.50 7.03
C VAL B 377 13.52 -29.88 7.38
N VAL B 378 12.60 -30.80 7.69
CA VAL B 378 12.96 -32.19 8.00
C VAL B 378 13.03 -33.02 6.72
N ASP B 379 12.11 -32.78 5.79
CA ASP B 379 12.09 -33.44 4.48
C ASP B 379 11.68 -32.40 3.41
N PRO B 380 12.62 -32.02 2.51
CA PRO B 380 12.30 -30.97 1.53
C PRO B 380 11.42 -31.39 0.33
N THR B 381 11.18 -32.68 0.12
CA THR B 381 10.41 -33.17 -1.04
C THR B 381 8.89 -33.25 -0.84
N LYS B 382 8.41 -33.15 0.41
CA LYS B 382 7.01 -33.46 0.74
C LYS B 382 5.97 -32.53 0.05
N PRO B 383 5.05 -33.11 -0.77
CA PRO B 383 3.98 -32.28 -1.37
C PRO B 383 3.01 -31.73 -0.33
#